data_3PD8
#
_entry.id   3PD8
#
_cell.length_a   114.618
_cell.length_b   164.002
_cell.length_c   47.620
_cell.angle_alpha   90.000
_cell.angle_beta   90.000
_cell.angle_gamma   90.000
#
_symmetry.space_group_name_H-M   'P 21 21 2'
#
loop_
_entity.id
_entity.type
_entity.pdbx_description
1 polymer 'Glutamate receptor 2'
2 non-polymer 'ZINC ION'
3 non-polymer '(7S)-3-hydroxy-4,5,6,7-tetrahydroisoxazolo[5,4-c]pyridine-7-carboxylic acid'
4 non-polymer GLYCEROL
5 non-polymer 'ACETIC ACID'
6 non-polymer 'CACODYLATE ION'
7 water water
#
_entity_poly.entity_id   1
_entity_poly.type   'polypeptide(L)'
_entity_poly.pdbx_seq_one_letter_code
;ANKTVVVTTILESPYVMMKKNHEMLEGNERYEGYCVDLAAEIAKHCGFKYKLTIVGDGKYGARDADTKIWNGMVGELVYG
KADIAIAPLTITLVREEVIDFSKPFMSLGISIMIKKGTPIESAEDLSKQTEIAYGTLDSGSTKEFFRRSKIAVFDKMWTY
MRSAEPSVFVRTTAEGVARVRKSKGKYAYLLESTMNEYIEQRKPCDTMKVGGNLDSKGYGIATPKGSSLGNAVNLAVLKL
NEQGLLDKLKNKWWYDKGECG
;
_entity_poly.pdbx_strand_id   A,B,C
#
loop_
_chem_comp.id
_chem_comp.type
_chem_comp.name
_chem_comp.formula
ACY non-polymer 'ACETIC ACID' 'C2 H4 O2'
CAC non-polymer 'CACODYLATE ION' 'C2 H6 As O2 -1'
GOL non-polymer GLYCEROL 'C3 H8 O3'
HA7 non-polymer '(7S)-3-hydroxy-4,5,6,7-tetrahydroisoxazolo[5,4-c]pyridine-7-carboxylic acid' 'C7 H8 N2 O4'
ZN non-polymer 'ZINC ION' 'Zn 2'
#
# COMPACT_ATOMS: atom_id res chain seq x y z
N LYS A 3 -13.17 36.07 -17.40
CA LYS A 3 -12.97 36.31 -15.97
C LYS A 3 -11.55 36.04 -15.47
N THR A 4 -11.01 36.96 -14.68
CA THR A 4 -9.69 36.79 -14.09
C THR A 4 -9.72 35.73 -12.98
N VAL A 5 -8.71 34.87 -12.96
CA VAL A 5 -8.64 33.79 -11.98
C VAL A 5 -8.01 34.25 -10.67
N VAL A 6 -8.76 34.12 -9.57
CA VAL A 6 -8.22 34.42 -8.25
C VAL A 6 -7.37 33.26 -7.77
N VAL A 7 -6.07 33.51 -7.69
CA VAL A 7 -5.08 32.52 -7.31
C VAL A 7 -4.64 32.79 -5.88
N THR A 8 -4.89 31.83 -4.99
CA THR A 8 -4.43 31.95 -3.61
C THR A 8 -3.09 31.26 -3.40
N THR A 9 -2.24 31.90 -2.62
CA THR A 9 -0.90 31.38 -2.38
C THR A 9 -0.41 31.92 -1.06
N ILE A 10 0.81 31.55 -0.68
CA ILE A 10 1.33 31.87 0.63
C ILE A 10 2.75 32.37 0.50
N LEU A 11 3.18 33.23 1.42
CA LEU A 11 4.57 33.70 1.45
C LEU A 11 5.49 32.68 2.14
N GLU A 12 6.27 31.99 1.32
CA GLU A 12 7.11 30.88 1.76
C GLU A 12 8.26 30.79 0.76
N SER A 13 9.49 30.78 1.27
CA SER A 13 10.66 30.84 0.38
C SER A 13 11.12 29.46 -0.08
N PRO A 14 11.52 29.34 -1.35
CA PRO A 14 11.56 30.40 -2.36
C PRO A 14 10.43 30.29 -3.39
N TYR A 15 9.25 29.90 -2.93
CA TYR A 15 8.09 29.76 -3.80
C TYR A 15 7.45 31.11 -4.13
N VAL A 16 7.07 31.84 -3.09
CA VAL A 16 6.50 33.16 -3.25
C VAL A 16 7.12 34.11 -2.24
N MET A 17 7.79 35.14 -2.74
CA MET A 17 8.48 36.12 -1.90
C MET A 17 8.23 37.51 -2.46
N MET A 18 8.19 38.51 -1.59
CA MET A 18 8.12 39.89 -2.06
C MET A 18 9.48 40.27 -2.62
N LYS A 19 9.50 41.01 -3.72
CA LYS A 19 10.74 41.46 -4.33
C LYS A 19 11.37 42.59 -3.52
N LYS A 20 12.70 42.69 -3.60
CA LYS A 20 13.42 43.77 -2.94
C LYS A 20 12.67 45.10 -3.08
N ASN A 21 12.34 45.47 -4.31
CA ASN A 21 11.71 46.75 -4.60
C ASN A 21 10.18 46.71 -4.68
N HIS A 22 9.57 45.78 -3.96
CA HIS A 22 8.12 45.56 -4.08
C HIS A 22 7.26 46.82 -3.87
N GLU A 23 7.71 47.72 -3.01
CA GLU A 23 6.91 48.90 -2.65
C GLU A 23 6.44 49.72 -3.84
N MET A 24 7.24 49.75 -4.90
CA MET A 24 6.89 50.56 -6.07
C MET A 24 6.19 49.77 -7.17
N LEU A 25 6.07 48.46 -6.98
CA LEU A 25 5.43 47.60 -7.97
C LEU A 25 3.98 47.38 -7.56
N GLU A 26 3.17 46.88 -8.50
CA GLU A 26 1.75 46.70 -8.25
C GLU A 26 1.27 45.31 -8.71
N GLY A 27 0.20 44.82 -8.11
CA GLY A 27 -0.36 43.52 -8.46
C GLY A 27 0.65 42.39 -8.45
N ASN A 28 0.55 41.53 -9.46
CA ASN A 28 1.38 40.32 -9.54
C ASN A 28 2.87 40.62 -9.58
N GLU A 29 3.23 41.83 -9.98
CA GLU A 29 4.63 42.19 -10.16
C GLU A 29 5.38 42.31 -8.84
N ARG A 30 4.64 42.43 -7.74
CA ARG A 30 5.26 42.60 -6.43
C ARG A 30 5.99 41.34 -5.98
N TYR A 31 5.57 40.20 -6.50
CA TYR A 31 6.10 38.92 -6.04
C TYR A 31 7.03 38.26 -7.04
N GLU A 32 7.88 37.37 -6.51
CA GLU A 32 8.78 36.58 -7.34
C GLU A 32 8.96 35.21 -6.71
N GLY A 33 9.42 34.25 -7.50
CA GLY A 33 9.77 32.95 -6.95
C GLY A 33 9.22 31.79 -7.74
N TYR A 34 9.62 30.60 -7.32
CA TYR A 34 9.26 29.37 -8.01
C TYR A 34 7.77 29.25 -8.40
N CYS A 35 6.88 29.40 -7.42
CA CYS A 35 5.45 29.28 -7.68
C CYS A 35 4.93 30.48 -8.46
N VAL A 36 5.64 31.61 -8.34
CA VAL A 36 5.29 32.78 -9.13
C VAL A 36 5.50 32.51 -10.60
N ASP A 37 6.65 31.94 -10.95
CA ASP A 37 6.92 31.53 -12.34
C ASP A 37 5.97 30.44 -12.81
N LEU A 38 5.75 29.44 -11.96
CA LEU A 38 4.85 28.35 -12.31
C LEU A 38 3.45 28.87 -12.69
N ALA A 39 2.89 29.73 -11.87
CA ALA A 39 1.57 30.32 -12.14
C ALA A 39 1.54 30.94 -13.54
N ALA A 40 2.52 31.79 -13.82
CA ALA A 40 2.60 32.42 -15.13
C ALA A 40 2.52 31.36 -16.22
N GLU A 41 3.34 30.32 -16.07
CA GLU A 41 3.39 29.22 -17.02
C GLU A 41 2.08 28.45 -17.13
N ILE A 42 1.54 28.02 -15.99
CA ILE A 42 0.24 27.37 -15.94
C ILE A 42 -0.77 28.23 -16.67
N ALA A 43 -0.82 29.50 -16.29
CA ALA A 43 -1.78 30.45 -16.86
C ALA A 43 -1.62 30.61 -18.37
N LYS A 44 -0.36 30.66 -18.84
CA LYS A 44 -0.11 30.77 -20.28
C LYS A 44 -0.67 29.57 -21.06
N HIS A 45 -0.31 28.37 -20.65
CA HIS A 45 -0.73 27.15 -21.33
C HIS A 45 -2.23 26.86 -21.19
N CYS A 46 -2.84 27.42 -20.15
CA CYS A 46 -4.27 27.23 -19.92
C CYS A 46 -5.07 28.42 -20.45
N GLY A 47 -4.37 29.50 -20.76
CA GLY A 47 -4.97 30.69 -21.33
C GLY A 47 -5.92 31.44 -20.41
N PHE A 48 -5.40 31.93 -19.29
CA PHE A 48 -6.20 32.81 -18.45
C PHE A 48 -5.39 33.90 -17.76
N LYS A 49 -6.06 35.02 -17.50
CA LYS A 49 -5.53 36.06 -16.63
C LYS A 49 -5.87 35.69 -15.19
N TYR A 50 -5.05 36.14 -14.25
CA TYR A 50 -5.18 35.73 -12.86
C TYR A 50 -4.61 36.80 -11.92
N LYS A 51 -5.10 36.81 -10.69
CA LYS A 51 -4.53 37.70 -9.69
C LYS A 51 -3.96 36.89 -8.55
N LEU A 52 -2.68 37.10 -8.25
CA LEU A 52 -2.08 36.51 -7.06
C LEU A 52 -2.58 37.22 -5.80
N THR A 53 -3.23 36.48 -4.91
CA THR A 53 -3.57 37.00 -3.58
C THR A 53 -2.96 36.12 -2.49
N ILE A 54 -2.61 36.75 -1.37
CA ILE A 54 -1.95 36.03 -0.29
C ILE A 54 -2.99 35.55 0.68
N VAL A 55 -3.03 34.25 0.92
CA VAL A 55 -4.01 33.66 1.82
C VAL A 55 -4.07 34.43 3.15
N GLY A 56 -5.28 34.77 3.58
CA GLY A 56 -5.48 35.73 4.66
C GLY A 56 -4.90 35.34 6.00
N ASP A 57 -5.09 34.08 6.38
CA ASP A 57 -4.65 33.63 7.69
C ASP A 57 -3.22 33.07 7.67
N GLY A 58 -2.59 33.09 6.51
CA GLY A 58 -1.22 32.64 6.37
C GLY A 58 -0.97 31.15 6.62
N LYS A 59 -1.97 30.32 6.33
CA LYS A 59 -1.87 28.89 6.60
C LYS A 59 -2.06 28.02 5.34
N TYR A 60 -1.64 26.77 5.43
CA TYR A 60 -1.83 25.82 4.35
C TYR A 60 -3.26 25.28 4.38
N GLY A 61 -3.66 24.78 5.54
CA GLY A 61 -5.03 24.39 5.71
C GLY A 61 -5.25 23.12 6.49
N ALA A 62 -6.13 23.22 7.48
CA ALA A 62 -6.57 22.07 8.24
C ALA A 62 -8.02 22.27 8.69
N ARG A 63 -8.63 21.20 9.18
CA ARG A 63 -10.02 21.20 9.61
C ARG A 63 -10.17 21.25 11.14
N ASP A 64 -10.81 22.29 11.65
CA ASP A 64 -11.10 22.37 13.07
C ASP A 64 -11.99 21.20 13.49
N ALA A 65 -11.48 20.34 14.36
CA ALA A 65 -12.19 19.14 14.78
C ALA A 65 -13.55 19.43 15.42
N ASP A 66 -13.73 20.64 15.93
CA ASP A 66 -14.99 21.02 16.55
C ASP A 66 -15.99 21.52 15.51
N THR A 67 -15.67 22.64 14.88
CA THR A 67 -16.58 23.30 13.95
C THR A 67 -16.64 22.63 12.58
N LYS A 68 -15.64 21.78 12.31
CA LYS A 68 -15.50 21.13 11.00
C LYS A 68 -15.20 22.15 9.90
N ILE A 69 -14.70 23.32 10.29
CA ILE A 69 -14.36 24.37 9.34
C ILE A 69 -12.89 24.33 8.89
N TRP A 70 -12.69 24.47 7.58
CA TRP A 70 -11.35 24.45 7.01
C TRP A 70 -10.75 25.84 6.99
N ASN A 71 -9.45 25.93 7.29
CA ASN A 71 -8.75 27.20 7.15
C ASN A 71 -7.66 27.15 6.06
N GLY A 72 -6.83 28.19 6.00
CA GLY A 72 -5.75 28.23 5.04
C GLY A 72 -6.22 28.26 3.60
N MET A 73 -5.31 27.91 2.69
CA MET A 73 -5.64 27.90 1.27
C MET A 73 -6.74 26.88 0.96
N VAL A 74 -6.77 25.79 1.71
CA VAL A 74 -7.82 24.80 1.54
C VAL A 74 -9.18 25.45 1.75
N GLY A 75 -9.29 26.19 2.83
CA GLY A 75 -10.50 26.92 3.17
C GLY A 75 -10.90 27.94 2.13
N GLU A 76 -9.93 28.66 1.58
CA GLU A 76 -10.24 29.66 0.56
C GLU A 76 -10.86 29.01 -0.68
N LEU A 77 -10.41 27.79 -0.99
CA LEU A 77 -10.97 27.04 -2.11
C LEU A 77 -12.33 26.47 -1.76
N VAL A 78 -12.40 25.79 -0.63
CA VAL A 78 -13.63 25.14 -0.17
C VAL A 78 -14.79 26.12 0.02
N TYR A 79 -14.50 27.32 0.47
CA TYR A 79 -15.56 28.29 0.77
C TYR A 79 -15.80 29.31 -0.34
N GLY A 80 -15.12 29.12 -1.46
CA GLY A 80 -15.37 29.92 -2.65
C GLY A 80 -14.68 31.25 -2.77
N LYS A 81 -13.64 31.50 -1.98
CA LYS A 81 -12.98 32.80 -1.99
C LYS A 81 -11.92 32.86 -3.09
N ALA A 82 -11.40 31.70 -3.48
CA ALA A 82 -10.35 31.64 -4.49
C ALA A 82 -10.66 30.57 -5.51
N ASP A 83 -10.06 30.72 -6.69
CA ASP A 83 -10.32 29.82 -7.82
C ASP A 83 -9.27 28.72 -7.92
N ILE A 84 -8.07 29.00 -7.44
CA ILE A 84 -6.98 28.03 -7.56
C ILE A 84 -5.87 28.33 -6.57
N ALA A 85 -5.26 27.27 -6.05
CA ALA A 85 -4.13 27.44 -5.14
C ALA A 85 -2.85 27.02 -5.82
N ILE A 86 -1.93 27.98 -5.99
CA ILE A 86 -0.58 27.65 -6.47
C ILE A 86 0.46 27.90 -5.38
N ALA A 87 0.81 26.84 -4.66
CA ALA A 87 1.68 26.91 -3.49
C ALA A 87 2.34 25.56 -3.26
N PRO A 88 3.28 25.49 -2.30
CA PRO A 88 3.85 24.21 -1.86
C PRO A 88 2.86 23.39 -1.01
N LEU A 89 1.67 23.15 -1.55
CA LEU A 89 0.58 22.50 -0.81
C LEU A 89 0.61 20.98 -0.97
N THR A 90 0.77 20.28 0.14
CA THR A 90 0.98 18.83 0.14
C THR A 90 -0.29 18.02 -0.13
N ILE A 91 -0.21 17.15 -1.13
CA ILE A 91 -1.29 16.23 -1.47
C ILE A 91 -1.51 15.21 -0.35
N THR A 92 -2.69 15.25 0.26
CA THR A 92 -3.01 14.37 1.37
C THR A 92 -4.43 13.84 1.22
N LEU A 93 -4.74 12.80 1.99
CA LEU A 93 -6.06 12.18 1.94
C LEU A 93 -7.24 13.06 2.43
N VAL A 94 -7.09 13.72 3.57
CA VAL A 94 -8.19 14.55 4.05
C VAL A 94 -8.46 15.75 3.13
N ARG A 95 -7.42 16.25 2.47
CA ARG A 95 -7.59 17.37 1.55
C ARG A 95 -8.23 16.92 0.25
N GLU A 96 -7.74 15.82 -0.30
CA GLU A 96 -8.27 15.28 -1.54
C GLU A 96 -9.75 14.96 -1.40
N GLU A 97 -10.20 14.68 -0.19
CA GLU A 97 -11.61 14.42 0.03
C GLU A 97 -12.48 15.67 -0.19
N VAL A 98 -11.87 16.85 -0.07
CA VAL A 98 -12.63 18.10 -0.21
C VAL A 98 -12.17 19.02 -1.35
N ILE A 99 -10.98 18.78 -1.91
CA ILE A 99 -10.55 19.55 -3.07
C ILE A 99 -9.90 18.68 -4.16
N ASP A 100 -9.69 19.27 -5.33
CA ASP A 100 -9.00 18.61 -6.42
C ASP A 100 -7.52 18.97 -6.41
N PHE A 101 -6.66 17.98 -6.68
CA PHE A 101 -5.23 18.21 -6.82
C PHE A 101 -4.79 17.76 -8.20
N SER A 102 -3.91 18.53 -8.83
CA SER A 102 -3.23 18.04 -10.02
C SER A 102 -2.19 17.00 -9.62
N LYS A 103 -1.69 16.26 -10.60
CA LYS A 103 -0.55 15.40 -10.36
C LYS A 103 0.59 16.25 -9.80
N PRO A 104 1.45 15.65 -8.97
CA PRO A 104 2.53 16.33 -8.25
C PRO A 104 3.42 17.14 -9.18
N PHE A 105 3.73 18.38 -8.83
CA PHE A 105 4.67 19.17 -9.62
C PHE A 105 6.02 19.16 -8.95
N MET A 106 6.06 18.58 -7.76
CA MET A 106 7.30 18.46 -6.99
C MET A 106 7.21 17.36 -5.93
N SER A 107 8.29 16.60 -5.79
CA SER A 107 8.36 15.54 -4.79
C SER A 107 9.13 16.00 -3.55
N LEU A 108 8.81 15.40 -2.40
CA LEU A 108 9.49 15.74 -1.16
C LEU A 108 9.16 14.77 -0.02
N GLY A 109 9.81 14.98 1.12
CA GLY A 109 9.59 14.16 2.30
C GLY A 109 9.81 14.93 3.58
N ILE A 110 9.21 14.45 4.66
CA ILE A 110 9.43 15.07 5.96
C ILE A 110 10.87 14.86 6.40
N SER A 111 11.53 15.93 6.82
CA SER A 111 12.93 15.87 7.15
C SER A 111 13.20 16.58 8.48
N ILE A 112 14.44 16.48 8.95
CA ILE A 112 14.83 17.10 10.21
C ILE A 112 15.86 18.18 9.96
N MET A 113 15.64 19.36 10.53
CA MET A 113 16.64 20.41 10.43
C MET A 113 17.30 20.60 11.79
N ILE A 114 18.62 20.66 11.79
CA ILE A 114 19.37 20.93 13.00
C ILE A 114 20.25 22.15 12.83
N LYS A 115 20.59 22.77 13.96
CA LYS A 115 21.71 23.71 14.00
C LYS A 115 23.01 22.91 13.92
N LYS A 116 23.94 23.38 13.10
CA LYS A 116 25.20 22.65 12.88
C LYS A 116 25.89 22.31 14.19
N GLY A 117 26.26 21.04 14.33
CA GLY A 117 26.93 20.59 15.54
C GLY A 117 26.02 19.84 16.49
N THR A 118 24.73 19.82 16.17
CA THR A 118 23.75 19.14 17.02
C THR A 118 23.89 17.63 16.88
N PRO A 119 24.09 16.94 18.00
CA PRO A 119 24.31 15.49 18.02
C PRO A 119 23.06 14.68 17.70
N ILE A 120 22.39 15.03 16.61
CA ILE A 120 21.26 14.24 16.14
C ILE A 120 21.50 13.78 14.71
N GLU A 121 21.27 12.49 14.47
CA GLU A 121 21.46 11.92 13.14
C GLU A 121 20.15 11.40 12.56
N SER A 122 19.14 11.25 13.41
CA SER A 122 17.90 10.60 12.97
C SER A 122 16.69 10.97 13.84
N ALA A 123 15.50 10.52 13.40
CA ALA A 123 14.29 10.65 14.20
C ALA A 123 14.44 9.77 15.42
N GLU A 124 15.02 8.59 15.21
CA GLU A 124 15.33 7.69 16.30
C GLU A 124 16.03 8.45 17.40
N ASP A 125 17.09 9.17 17.03
CA ASP A 125 17.86 9.96 17.97
C ASP A 125 16.97 10.93 18.75
N LEU A 126 16.29 11.82 18.03
CA LEU A 126 15.35 12.75 18.64
C LEU A 126 14.46 12.07 19.68
N SER A 127 13.90 10.93 19.31
CA SER A 127 12.83 10.31 20.11
C SER A 127 13.33 9.70 21.41
N LYS A 128 14.61 9.34 21.48
CA LYS A 128 15.14 8.70 22.68
C LYS A 128 15.93 9.66 23.59
N GLN A 129 15.62 10.95 23.52
CA GLN A 129 16.31 11.95 24.33
C GLN A 129 15.38 13.12 24.67
N THR A 130 15.80 13.96 25.62
CA THR A 130 14.92 15.00 26.15
C THR A 130 15.54 16.38 26.22
N GLU A 131 16.86 16.46 26.10
CA GLU A 131 17.53 17.75 26.25
C GLU A 131 17.21 18.66 25.05
N ILE A 132 17.09 18.07 23.88
CA ILE A 132 16.84 18.82 22.66
C ILE A 132 15.38 18.76 22.24
N ALA A 133 14.70 19.90 22.30
CA ALA A 133 13.29 19.97 21.93
C ALA A 133 13.12 19.97 20.41
N TYR A 134 11.97 19.48 19.95
CA TYR A 134 11.67 19.47 18.52
C TYR A 134 10.17 19.63 18.26
N GLY A 135 9.84 20.36 17.20
CA GLY A 135 8.44 20.59 16.85
C GLY A 135 8.22 20.65 15.35
N THR A 136 6.99 20.95 14.96
CA THR A 136 6.63 21.10 13.55
C THR A 136 5.77 22.35 13.31
N LEU A 137 5.47 22.60 12.04
CA LEU A 137 4.55 23.66 11.65
C LEU A 137 3.12 23.30 12.07
N ASP A 138 2.43 24.25 12.67
CA ASP A 138 1.02 24.06 13.02
C ASP A 138 0.16 24.15 11.76
N SER A 139 -0.97 23.44 11.78
CA SER A 139 -1.96 23.51 10.71
C SER A 139 -1.46 23.04 9.34
N GLY A 140 -0.52 22.10 9.33
CA GLY A 140 0.04 21.59 8.10
C GLY A 140 0.02 20.07 8.01
N SER A 141 0.46 19.51 6.88
CA SER A 141 0.43 18.07 6.70
C SER A 141 1.44 17.35 7.61
N THR A 142 2.52 18.03 7.95
CA THR A 142 3.58 17.42 8.76
C THR A 142 3.08 17.10 10.16
N LYS A 143 2.35 18.03 10.76
CA LYS A 143 1.85 17.83 12.11
C LYS A 143 0.84 16.68 12.11
N GLU A 144 -0.02 16.68 11.11
CA GLU A 144 -0.97 15.59 10.94
C GLU A 144 -0.25 14.25 10.84
N PHE A 145 0.85 14.24 10.09
CA PHE A 145 1.63 13.01 9.92
C PHE A 145 1.91 12.32 11.25
N PHE A 146 2.44 13.09 12.21
CA PHE A 146 2.81 12.53 13.50
C PHE A 146 1.60 12.17 14.35
N ARG A 147 0.49 12.89 14.15
CA ARG A 147 -0.74 12.61 14.90
C ARG A 147 -1.36 11.29 14.46
N ARG A 148 -1.04 10.87 13.24
CA ARG A 148 -1.66 9.69 12.63
C ARG A 148 -0.71 8.50 12.51
N SER A 149 0.55 8.68 12.87
CA SER A 149 1.55 7.65 12.63
C SER A 149 1.92 6.92 13.91
N LYS A 150 1.45 5.69 14.04
CA LYS A 150 1.76 4.88 15.20
C LYS A 150 2.85 3.84 14.95
N ILE A 151 3.75 4.11 14.01
CA ILE A 151 4.99 3.35 13.95
C ILE A 151 5.74 3.77 15.21
N ALA A 152 6.47 2.84 15.80
CA ALA A 152 7.10 3.07 17.11
C ALA A 152 7.69 4.47 17.29
N VAL A 153 8.75 4.77 16.55
CA VAL A 153 9.47 6.02 16.67
C VAL A 153 8.55 7.25 16.64
N PHE A 154 7.75 7.36 15.60
CA PHE A 154 6.88 8.52 15.39
C PHE A 154 5.82 8.69 16.48
N ASP A 155 5.13 7.61 16.85
CA ASP A 155 4.13 7.67 17.92
C ASP A 155 4.75 8.26 19.17
N LYS A 156 5.95 7.78 19.49
CA LYS A 156 6.69 8.26 20.66
C LYS A 156 6.96 9.76 20.54
N MET A 157 7.34 10.20 19.35
CA MET A 157 7.64 11.61 19.10
C MET A 157 6.39 12.48 19.20
N TRP A 158 5.32 12.06 18.54
CA TRP A 158 4.04 12.77 18.58
C TRP A 158 3.58 12.93 20.01
N THR A 159 3.67 11.84 20.77
CA THR A 159 3.27 11.83 22.16
C THR A 159 4.04 12.88 22.95
N TYR A 160 5.33 12.95 22.72
CA TYR A 160 6.15 13.96 23.38
C TYR A 160 5.76 15.37 22.93
N MET A 161 5.62 15.56 21.62
CA MET A 161 5.33 16.87 21.05
C MET A 161 3.95 17.39 21.44
N ARG A 162 2.94 16.55 21.29
CA ARG A 162 1.56 16.95 21.55
C ARG A 162 1.36 17.35 23.00
N SER A 163 2.29 16.96 23.86
CA SER A 163 2.18 17.24 25.29
C SER A 163 3.21 18.25 25.76
N ALA A 164 4.21 18.51 24.93
CA ALA A 164 5.36 19.35 25.30
C ALA A 164 4.98 20.77 25.74
N GLU A 165 5.83 21.37 26.57
CA GLU A 165 5.58 22.71 27.10
C GLU A 165 6.88 23.40 27.52
N PRO A 166 7.09 24.64 27.07
CA PRO A 166 6.20 25.42 26.20
C PRO A 166 6.11 24.84 24.79
N SER A 167 5.08 25.24 24.04
CA SER A 167 4.78 24.64 22.74
C SER A 167 5.99 24.56 21.82
N VAL A 168 6.16 23.40 21.20
CA VAL A 168 7.22 23.19 20.20
C VAL A 168 6.74 23.54 18.80
N PHE A 169 5.46 23.88 18.67
CA PHE A 169 4.86 24.15 17.36
C PHE A 169 4.99 25.61 16.98
N VAL A 170 5.00 25.87 15.67
CA VAL A 170 5.23 27.21 15.16
C VAL A 170 4.21 27.65 14.11
N ARG A 171 4.04 28.97 13.98
CA ARG A 171 3.06 29.57 13.08
C ARG A 171 3.52 29.59 11.62
N THR A 172 4.82 29.70 11.41
CA THR A 172 5.35 29.70 10.05
C THR A 172 6.70 29.01 10.00
N THR A 173 7.16 28.70 8.80
CA THR A 173 8.46 28.07 8.62
C THR A 173 9.56 29.00 9.11
N ALA A 174 9.46 30.28 8.76
CA ALA A 174 10.44 31.27 9.18
C ALA A 174 10.60 31.23 10.69
N GLU A 175 9.47 31.15 11.39
CA GLU A 175 9.46 31.09 12.84
C GLU A 175 10.16 29.82 13.34
N GLY A 176 9.82 28.69 12.72
CA GLY A 176 10.47 27.44 13.03
C GLY A 176 11.97 27.54 12.82
N VAL A 177 12.35 28.16 11.72
CA VAL A 177 13.74 28.23 11.30
C VAL A 177 14.54 29.14 12.23
N ALA A 178 13.96 30.29 12.56
CA ALA A 178 14.59 31.18 13.53
C ALA A 178 14.79 30.50 14.89
N ARG A 179 13.85 29.64 15.28
CA ARG A 179 13.92 28.97 16.56
C ARG A 179 15.12 28.02 16.64
N VAL A 180 15.26 27.18 15.63
CA VAL A 180 16.46 26.37 15.46
C VAL A 180 17.71 27.24 15.64
N ARG A 181 17.77 28.32 14.87
CA ARG A 181 18.97 29.15 14.78
C ARG A 181 19.38 29.82 16.08
N LYS A 182 18.42 30.13 16.93
CA LYS A 182 18.70 30.90 18.14
C LYS A 182 18.78 30.01 19.39
N SER A 183 18.43 28.74 19.25
CA SER A 183 18.33 27.89 20.42
C SER A 183 19.58 27.07 20.74
N LYS A 184 20.72 27.56 20.28
CA LYS A 184 22.01 26.98 20.66
C LYS A 184 22.01 25.46 20.55
N GLY A 185 21.23 24.92 19.63
CA GLY A 185 21.24 23.49 19.38
C GLY A 185 20.24 22.70 20.21
N LYS A 186 19.44 23.39 21.02
CA LYS A 186 18.48 22.73 21.90
C LYS A 186 17.10 22.58 21.28
N TYR A 187 16.95 23.06 20.04
CA TYR A 187 15.70 22.88 19.30
C TYR A 187 15.95 22.38 17.87
N ALA A 188 15.29 21.29 17.51
CA ALA A 188 15.30 20.80 16.14
C ALA A 188 13.93 20.97 15.50
N TYR A 189 13.91 21.09 14.18
CA TYR A 189 12.68 21.42 13.49
C TYR A 189 12.36 20.41 12.41
N LEU A 190 11.16 19.84 12.49
CA LEU A 190 10.73 18.87 11.51
C LEU A 190 9.94 19.57 10.42
N LEU A 191 10.39 19.44 9.18
CA LEU A 191 9.79 20.12 8.04
C LEU A 191 10.18 19.42 6.75
N GLU A 192 9.53 19.80 5.65
CA GLU A 192 9.69 19.13 4.38
C GLU A 192 11.06 19.39 3.72
N SER A 193 11.58 18.36 3.05
CA SER A 193 12.94 18.36 2.53
C SER A 193 13.26 19.54 1.62
N THR A 194 12.30 19.91 0.79
CA THR A 194 12.41 21.05 -0.11
C THR A 194 12.83 22.35 0.60
N MET A 195 12.16 22.69 1.68
CA MET A 195 12.47 23.93 2.38
C MET A 195 13.73 23.77 3.18
N ASN A 196 13.90 22.60 3.77
CA ASN A 196 15.10 22.26 4.51
C ASN A 196 16.35 22.44 3.64
N GLU A 197 16.34 21.83 2.45
CA GLU A 197 17.44 21.92 1.51
C GLU A 197 17.71 23.36 1.09
N TYR A 198 16.65 24.10 0.83
CA TYR A 198 16.77 25.50 0.46
C TYR A 198 17.47 26.32 1.53
N ILE A 199 17.00 26.20 2.77
CA ILE A 199 17.56 26.95 3.89
C ILE A 199 19.03 26.62 4.13
N GLU A 200 19.40 25.35 3.95
CA GLU A 200 20.77 24.91 4.10
C GLU A 200 21.75 25.66 3.19
N GLN A 201 21.21 26.27 2.12
CA GLN A 201 22.03 26.98 1.13
C GLN A 201 21.96 28.50 1.27
N ARG A 202 21.53 28.99 2.42
CA ARG A 202 21.43 30.43 2.62
C ARG A 202 22.26 30.85 3.82
N LYS A 203 22.86 32.04 3.72
CA LYS A 203 23.50 32.66 4.89
C LYS A 203 22.43 32.85 5.97
N PRO A 204 22.82 32.74 7.25
CA PRO A 204 24.17 32.59 7.80
C PRO A 204 24.76 31.19 7.67
N CYS A 205 24.12 30.33 6.90
CA CYS A 205 24.63 28.99 6.61
C CYS A 205 24.90 28.16 7.88
N ASP A 206 23.96 28.20 8.82
CA ASP A 206 24.18 27.57 10.12
C ASP A 206 23.28 26.37 10.40
N THR A 207 22.45 26.02 9.43
CA THR A 207 21.53 24.90 9.57
C THR A 207 21.87 23.79 8.60
N MET A 208 21.46 22.57 8.92
CA MET A 208 21.59 21.47 7.97
C MET A 208 20.50 20.41 8.11
N LYS A 209 20.18 19.77 6.99
CA LYS A 209 19.33 18.59 6.96
C LYS A 209 20.18 17.40 7.37
N VAL A 210 19.74 16.66 8.39
CA VAL A 210 20.40 15.43 8.78
C VAL A 210 19.43 14.28 8.65
N GLY A 211 19.94 13.12 8.24
CA GLY A 211 19.12 11.95 8.06
C GLY A 211 18.42 11.96 6.72
N GLY A 212 17.58 10.96 6.49
CA GLY A 212 16.81 10.89 5.27
C GLY A 212 15.36 11.25 5.53
N ASN A 213 14.58 11.33 4.47
CA ASN A 213 13.18 11.67 4.60
C ASN A 213 12.39 10.58 5.30
N LEU A 214 11.34 10.97 6.02
CA LEU A 214 10.53 10.03 6.79
C LEU A 214 9.43 9.43 5.92
N ASP A 215 9.20 10.04 4.77
CA ASP A 215 8.12 9.65 3.87
C ASP A 215 8.31 10.26 2.49
N SER A 216 7.50 9.82 1.54
CA SER A 216 7.52 10.36 0.19
C SER A 216 6.15 10.89 -0.20
N LYS A 217 6.11 12.11 -0.74
CA LYS A 217 4.85 12.67 -1.20
C LYS A 217 5.10 13.84 -2.12
N GLY A 218 4.05 14.61 -2.41
CA GLY A 218 4.18 15.68 -3.39
C GLY A 218 3.29 16.91 -3.22
N TYR A 219 3.66 17.96 -3.93
CA TYR A 219 2.85 19.15 -4.07
C TYR A 219 1.94 19.07 -5.30
N GLY A 220 0.69 19.48 -5.15
CA GLY A 220 -0.22 19.56 -6.28
C GLY A 220 -0.84 20.94 -6.37
N ILE A 221 -1.15 21.37 -7.58
CA ILE A 221 -1.99 22.56 -7.79
C ILE A 221 -3.42 22.17 -7.44
N ALA A 222 -4.05 22.96 -6.58
CA ALA A 222 -5.39 22.61 -6.11
C ALA A 222 -6.50 23.49 -6.69
N THR A 223 -7.65 22.87 -6.91
CA THR A 223 -8.86 23.56 -7.35
C THR A 223 -10.01 23.08 -6.49
N PRO A 224 -11.13 23.83 -6.50
CA PRO A 224 -12.33 23.41 -5.77
C PRO A 224 -12.92 22.19 -6.46
N LYS A 225 -13.58 21.31 -5.72
CA LYS A 225 -14.02 20.04 -6.29
C LYS A 225 -14.82 20.23 -7.57
N GLY A 226 -14.46 19.47 -8.60
CA GLY A 226 -15.14 19.52 -9.87
C GLY A 226 -15.18 20.87 -10.56
N SER A 227 -14.13 21.66 -10.41
CA SER A 227 -14.06 22.95 -11.10
C SER A 227 -13.63 22.73 -12.56
N SER A 228 -14.04 23.64 -13.43
CA SER A 228 -13.73 23.52 -14.86
C SER A 228 -12.24 23.60 -15.18
N LEU A 229 -11.45 24.23 -14.30
CA LEU A 229 -10.03 24.43 -14.52
C LEU A 229 -9.15 23.22 -14.18
N GLY A 230 -9.66 22.35 -13.31
CA GLY A 230 -8.90 21.21 -12.84
C GLY A 230 -8.27 20.40 -13.96
N ASN A 231 -9.08 20.07 -14.96
CA ASN A 231 -8.61 19.29 -16.11
C ASN A 231 -7.39 19.89 -16.83
N ALA A 232 -7.50 21.12 -17.29
CA ALA A 232 -6.43 21.74 -18.07
C ALA A 232 -5.18 21.95 -17.21
N VAL A 233 -5.40 22.44 -16.00
CA VAL A 233 -4.31 22.64 -15.04
C VAL A 233 -3.50 21.37 -14.90
N ASN A 234 -4.19 20.28 -14.62
CA ASN A 234 -3.54 18.98 -14.48
C ASN A 234 -2.71 18.60 -15.71
N LEU A 235 -3.27 18.79 -16.90
CA LEU A 235 -2.56 18.48 -18.13
C LEU A 235 -1.37 19.41 -18.29
N ALA A 236 -1.54 20.66 -17.88
CA ALA A 236 -0.45 21.63 -17.98
C ALA A 236 0.75 21.19 -17.14
N VAL A 237 0.50 20.79 -15.91
CA VAL A 237 1.55 20.31 -15.02
C VAL A 237 2.35 19.17 -15.65
N LEU A 238 1.64 18.20 -16.22
CA LEU A 238 2.31 17.10 -16.90
C LEU A 238 3.23 17.62 -18.01
N LYS A 239 2.70 18.49 -18.86
CA LYS A 239 3.47 19.01 -19.99
C LYS A 239 4.68 19.79 -19.53
N LEU A 240 4.50 20.59 -18.49
CA LEU A 240 5.58 21.37 -17.92
C LEU A 240 6.71 20.49 -17.37
N ASN A 241 6.34 19.43 -16.68
CA ASN A 241 7.32 18.50 -16.12
C ASN A 241 8.10 17.85 -17.24
N GLU A 242 7.39 17.45 -18.29
CA GLU A 242 8.01 16.77 -19.40
C GLU A 242 8.96 17.63 -20.23
N GLN A 243 8.71 18.94 -20.27
CA GLN A 243 9.55 19.83 -21.06
C GLN A 243 10.80 20.31 -20.32
N GLY A 244 11.01 19.80 -19.11
CA GLY A 244 12.17 20.16 -18.31
C GLY A 244 12.01 21.47 -17.54
N LEU A 245 10.92 22.17 -17.79
CA LEU A 245 10.68 23.49 -17.18
C LEU A 245 10.69 23.44 -15.65
N LEU A 246 10.00 22.46 -15.07
CA LEU A 246 10.00 22.31 -13.61
C LEU A 246 11.42 22.17 -13.08
N ASP A 247 12.16 21.21 -13.62
CA ASP A 247 13.55 20.99 -13.22
C ASP A 247 14.33 22.29 -13.38
N LYS A 248 13.99 23.03 -14.43
CA LYS A 248 14.63 24.31 -14.69
C LYS A 248 14.34 25.31 -13.57
N LEU A 249 13.07 25.48 -13.24
CA LEU A 249 12.69 26.40 -12.16
C LEU A 249 13.32 26.03 -10.82
N LYS A 250 13.39 24.73 -10.52
CA LYS A 250 13.97 24.27 -9.25
C LYS A 250 15.44 24.63 -9.15
N ASN A 251 16.19 24.46 -10.23
CA ASN A 251 17.58 24.90 -10.25
C ASN A 251 17.71 26.41 -10.08
N LYS A 252 16.84 27.16 -10.75
CA LYS A 252 16.87 28.63 -10.68
C LYS A 252 16.66 29.16 -9.26
N TRP A 253 15.78 28.53 -8.50
CA TRP A 253 15.37 29.09 -7.22
C TRP A 253 16.08 28.48 -6.01
N TRP A 254 16.64 27.29 -6.19
CA TRP A 254 17.36 26.63 -5.13
C TRP A 254 18.85 26.86 -5.22
N TYR A 255 19.46 26.34 -6.26
CA TYR A 255 20.91 26.17 -6.29
C TYR A 255 21.67 27.28 -7.03
N ASP A 256 21.11 27.76 -8.13
CA ASP A 256 21.66 28.93 -8.78
C ASP A 256 21.58 30.11 -7.82
N LYS A 257 20.59 30.08 -6.93
CA LYS A 257 20.46 31.09 -5.89
C LYS A 257 20.88 30.52 -4.54
N GLY A 258 22.16 30.20 -4.41
CA GLY A 258 22.70 29.61 -3.20
C GLY A 258 23.98 30.29 -2.76
N GLU A 259 24.07 30.63 -1.48
CA GLU A 259 25.17 31.46 -0.99
C GLU A 259 26.07 30.81 0.07
N CYS A 260 26.19 29.48 0.04
CA CYS A 260 27.07 28.79 0.96
C CYS A 260 28.11 27.99 0.19
N GLY A 261 28.37 28.43 -1.04
CA GLY A 261 29.34 27.80 -1.93
C GLY A 261 29.45 26.30 -1.75
N ALA B 1 -24.66 -6.85 -10.49
CA ALA B 1 -23.70 -5.76 -10.41
C ALA B 1 -22.41 -6.22 -9.71
N ASN B 2 -22.39 -7.47 -9.26
CA ASN B 2 -21.21 -8.07 -8.63
C ASN B 2 -20.20 -8.59 -9.65
N LYS B 3 -19.33 -7.71 -10.14
CA LYS B 3 -18.38 -8.10 -11.18
C LYS B 3 -16.94 -8.22 -10.70
N THR B 4 -16.32 -9.37 -10.97
CA THR B 4 -14.90 -9.54 -10.74
C THR B 4 -14.11 -8.57 -11.63
N VAL B 5 -13.28 -7.74 -10.99
CA VAL B 5 -12.48 -6.73 -11.70
C VAL B 5 -11.31 -7.38 -12.43
N VAL B 6 -11.20 -7.14 -13.74
CA VAL B 6 -10.08 -7.66 -14.53
C VAL B 6 -8.86 -6.76 -14.44
N VAL B 7 -7.81 -7.27 -13.84
CA VAL B 7 -6.61 -6.49 -13.59
C VAL B 7 -5.55 -6.87 -14.60
N THR B 8 -5.14 -5.92 -15.42
CA THR B 8 -4.03 -6.14 -16.35
C THR B 8 -2.72 -5.73 -15.69
N THR B 9 -1.69 -6.53 -15.91
CA THR B 9 -0.39 -6.24 -15.34
C THR B 9 0.69 -6.86 -16.21
N ILE B 10 1.94 -6.69 -15.80
CA ILE B 10 3.07 -7.16 -16.60
C ILE B 10 4.06 -7.92 -15.73
N LEU B 11 4.76 -8.88 -16.33
CA LEU B 11 5.80 -9.64 -15.61
C LEU B 11 7.09 -8.85 -15.56
N GLU B 12 7.35 -8.25 -14.41
CA GLU B 12 8.47 -7.35 -14.27
C GLU B 12 8.91 -7.42 -12.82
N SER B 13 10.14 -7.87 -12.60
CA SER B 13 10.64 -8.03 -11.23
C SER B 13 11.02 -6.69 -10.62
N PRO B 14 10.73 -6.50 -9.32
CA PRO B 14 10.06 -7.47 -8.46
C PRO B 14 8.56 -7.19 -8.33
N TYR B 15 7.98 -6.55 -9.34
CA TYR B 15 6.58 -6.12 -9.27
C TYR B 15 5.63 -7.31 -9.39
N VAL B 16 5.74 -8.04 -10.49
CA VAL B 16 4.97 -9.26 -10.65
C VAL B 16 5.86 -10.37 -11.19
N MET B 17 5.85 -11.51 -10.50
CA MET B 17 6.68 -12.64 -10.89
C MET B 17 5.96 -13.95 -10.62
N MET B 18 6.29 -14.98 -11.41
CA MET B 18 5.73 -16.31 -11.21
C MET B 18 6.30 -16.96 -9.96
N LYS B 19 5.44 -17.51 -9.11
CA LYS B 19 5.90 -18.32 -7.98
C LYS B 19 6.56 -19.60 -8.49
N LYS B 20 7.61 -20.04 -7.81
CA LYS B 20 8.35 -21.22 -8.25
C LYS B 20 7.41 -22.38 -8.59
N ASN B 21 6.35 -22.51 -7.80
CA ASN B 21 5.43 -23.65 -7.89
C ASN B 21 4.09 -23.28 -8.52
N HIS B 22 4.10 -22.21 -9.30
CA HIS B 22 2.86 -21.69 -9.89
C HIS B 22 2.07 -22.76 -10.65
N GLU B 23 2.77 -23.75 -11.19
CA GLU B 23 2.14 -24.79 -11.99
C GLU B 23 1.10 -25.55 -11.17
N MET B 24 1.30 -25.59 -9.86
CA MET B 24 0.39 -26.30 -8.98
C MET B 24 -0.58 -25.36 -8.24
N LEU B 25 -0.63 -24.09 -8.64
CA LEU B 25 -1.51 -23.12 -7.99
C LEU B 25 -2.53 -22.55 -8.98
N GLU B 26 -3.56 -21.89 -8.47
CA GLU B 26 -4.59 -21.33 -9.34
C GLU B 26 -4.81 -19.84 -9.16
N GLY B 27 -5.27 -19.20 -10.23
CA GLY B 27 -5.63 -17.80 -10.22
C GLY B 27 -4.56 -16.85 -9.74
N ASN B 28 -4.95 -15.96 -8.83
CA ASN B 28 -4.05 -14.92 -8.33
C ASN B 28 -2.86 -15.50 -7.57
N GLU B 29 -3.03 -16.71 -7.06
CA GLU B 29 -2.01 -17.35 -6.23
C GLU B 29 -0.78 -17.76 -7.01
N ARG B 30 -0.86 -17.71 -8.34
CA ARG B 30 0.26 -18.08 -9.17
C ARG B 30 1.36 -17.01 -9.09
N TYR B 31 0.98 -15.81 -8.62
CA TYR B 31 1.86 -14.66 -8.77
C TYR B 31 2.35 -14.11 -7.44
N GLU B 32 3.44 -13.35 -7.49
CA GLU B 32 3.96 -12.72 -6.29
C GLU B 32 4.68 -11.45 -6.67
N GLY B 33 4.79 -10.53 -5.72
CA GLY B 33 5.57 -9.33 -5.95
C GLY B 33 4.90 -8.08 -5.39
N TYR B 34 5.61 -6.97 -5.52
CA TYR B 34 5.13 -5.67 -5.07
C TYR B 34 3.70 -5.36 -5.52
N CYS B 35 3.50 -5.39 -6.84
CA CYS B 35 2.18 -5.08 -7.43
C CYS B 35 1.13 -6.13 -7.10
N VAL B 36 1.55 -7.38 -6.90
CA VAL B 36 0.65 -8.40 -6.40
C VAL B 36 0.18 -8.06 -4.98
N ASP B 37 1.11 -7.61 -4.14
CA ASP B 37 0.75 -7.19 -2.78
C ASP B 37 -0.17 -5.97 -2.81
N LEU B 38 0.18 -5.02 -3.68
CA LEU B 38 -0.59 -3.78 -3.82
C LEU B 38 -2.01 -4.08 -4.26
N ALA B 39 -2.15 -4.89 -5.31
CA ALA B 39 -3.44 -5.27 -5.87
C ALA B 39 -4.40 -5.80 -4.80
N ALA B 40 -3.90 -6.70 -3.96
CA ALA B 40 -4.69 -7.27 -2.88
C ALA B 40 -5.15 -6.20 -1.90
N GLU B 41 -4.24 -5.31 -1.55
CA GLU B 41 -4.58 -4.20 -0.68
C GLU B 41 -5.64 -3.27 -1.27
N ILE B 42 -5.41 -2.82 -2.50
CA ILE B 42 -6.32 -1.89 -3.16
C ILE B 42 -7.72 -2.45 -3.28
N ALA B 43 -7.81 -3.73 -3.63
CA ALA B 43 -9.10 -4.40 -3.78
C ALA B 43 -9.82 -4.55 -2.44
N LYS B 44 -9.03 -4.73 -1.38
CA LYS B 44 -9.58 -4.87 -0.04
C LYS B 44 -10.14 -3.54 0.47
N HIS B 45 -9.45 -2.45 0.16
CA HIS B 45 -9.85 -1.13 0.62
C HIS B 45 -10.86 -0.48 -0.32
N CYS B 46 -11.10 -1.11 -1.46
CA CYS B 46 -12.10 -0.60 -2.40
C CYS B 46 -13.26 -1.56 -2.48
N GLY B 47 -13.11 -2.71 -1.83
CA GLY B 47 -14.18 -3.69 -1.69
C GLY B 47 -14.59 -4.43 -2.96
N PHE B 48 -13.62 -4.97 -3.70
CA PHE B 48 -13.97 -5.72 -4.90
C PHE B 48 -13.15 -7.00 -5.15
N LYS B 49 -13.74 -7.94 -5.89
CA LYS B 49 -13.06 -9.15 -6.33
C LYS B 49 -12.36 -8.83 -7.64
N TYR B 50 -11.19 -9.45 -7.84
CA TYR B 50 -10.34 -9.15 -8.99
C TYR B 50 -9.61 -10.37 -9.54
N LYS B 51 -9.29 -10.33 -10.82
CA LYS B 51 -8.49 -11.37 -11.45
C LYS B 51 -7.27 -10.76 -12.10
N LEU B 52 -6.09 -11.21 -11.69
CA LEU B 52 -4.84 -10.76 -12.31
C LEU B 52 -4.65 -11.44 -13.67
N THR B 53 -4.35 -10.64 -14.68
CA THR B 53 -4.03 -11.18 -16.01
C THR B 53 -2.79 -10.50 -16.55
N ILE B 54 -1.91 -11.28 -17.15
CA ILE B 54 -0.69 -10.74 -17.73
C ILE B 54 -0.96 -10.14 -19.10
N VAL B 55 -0.51 -8.91 -19.32
CA VAL B 55 -0.75 -8.24 -20.59
C VAL B 55 -0.24 -9.08 -21.74
N GLY B 56 -1.10 -9.27 -22.75
CA GLY B 56 -0.86 -10.24 -23.80
C GLY B 56 0.39 -10.02 -24.61
N ASP B 57 0.59 -8.78 -25.06
CA ASP B 57 1.76 -8.48 -25.88
C ASP B 57 3.00 -8.10 -25.05
N GLY B 58 2.88 -8.17 -23.72
CA GLY B 58 3.99 -7.90 -22.83
C GLY B 58 4.56 -6.48 -22.85
N LYS B 59 3.76 -5.50 -23.24
CA LYS B 59 4.25 -4.14 -23.28
C LYS B 59 3.51 -3.19 -22.34
N TYR B 60 4.09 -2.02 -22.10
CA TYR B 60 3.47 -1.02 -21.23
C TYR B 60 2.38 -0.24 -21.98
N GLY B 61 2.74 0.31 -23.13
CA GLY B 61 1.76 0.99 -23.95
C GLY B 61 2.27 2.19 -24.71
N ALA B 62 2.09 2.15 -26.02
CA ALA B 62 2.40 3.26 -26.88
C ALA B 62 1.37 3.32 -28.00
N ARG B 63 1.27 4.47 -28.66
CA ARG B 63 0.36 4.61 -29.78
C ARG B 63 1.17 4.50 -31.08
N ASP B 64 0.85 3.50 -31.89
CA ASP B 64 1.46 3.35 -33.21
C ASP B 64 1.22 4.61 -34.04
N ALA B 65 2.29 5.16 -34.62
CA ALA B 65 2.19 6.41 -35.37
C ALA B 65 1.35 6.26 -36.65
N ASP B 66 1.39 5.08 -37.24
CA ASP B 66 0.66 4.81 -38.48
C ASP B 66 -0.78 4.37 -38.21
N THR B 67 -0.94 3.24 -37.53
CA THR B 67 -2.27 2.69 -37.26
C THR B 67 -3.02 3.48 -36.20
N LYS B 68 -2.27 4.18 -35.35
CA LYS B 68 -2.87 5.02 -34.32
C LYS B 68 -3.46 4.20 -33.16
N ILE B 69 -3.23 2.90 -33.20
CA ILE B 69 -3.74 1.98 -32.18
C ILE B 69 -2.79 1.92 -30.97
N TRP B 70 -3.36 1.83 -29.77
CA TRP B 70 -2.56 1.69 -28.54
C TRP B 70 -2.27 0.22 -28.23
N ASN B 71 -1.03 -0.07 -27.88
CA ASN B 71 -0.67 -1.42 -27.47
C ASN B 71 -0.48 -1.54 -25.95
N GLY B 72 -0.02 -2.70 -25.50
CA GLY B 72 0.34 -2.87 -24.10
C GLY B 72 -0.79 -2.78 -23.08
N MET B 73 -0.44 -2.52 -21.84
CA MET B 73 -1.43 -2.41 -20.80
C MET B 73 -2.42 -1.27 -21.05
N VAL B 74 -1.90 -0.16 -21.57
CA VAL B 74 -2.72 1.00 -21.91
C VAL B 74 -3.81 0.65 -22.91
N GLY B 75 -3.44 -0.03 -23.99
CA GLY B 75 -4.40 -0.47 -24.99
C GLY B 75 -5.47 -1.36 -24.40
N GLU B 76 -5.06 -2.27 -23.52
CA GLU B 76 -6.01 -3.17 -22.86
C GLU B 76 -7.16 -2.40 -22.20
N LEU B 77 -6.82 -1.28 -21.57
CA LEU B 77 -7.83 -0.45 -20.91
C LEU B 77 -8.65 0.34 -21.92
N VAL B 78 -7.96 0.91 -22.92
CA VAL B 78 -8.58 1.80 -23.90
C VAL B 78 -9.66 1.09 -24.72
N TYR B 79 -9.40 -0.18 -25.04
CA TYR B 79 -10.30 -0.93 -25.90
C TYR B 79 -11.23 -1.84 -25.10
N GLY B 80 -11.07 -1.85 -23.79
CA GLY B 80 -12.08 -2.43 -22.90
C GLY B 80 -11.84 -3.86 -22.49
N LYS B 81 -10.62 -4.33 -22.69
CA LYS B 81 -10.29 -5.69 -22.31
C LYS B 81 -10.11 -5.82 -20.80
N ALA B 82 -9.62 -4.77 -20.16
CA ALA B 82 -9.39 -4.79 -18.71
C ALA B 82 -9.97 -3.57 -17.99
N ASP B 83 -10.21 -3.72 -16.70
CA ASP B 83 -10.85 -2.68 -15.88
C ASP B 83 -9.85 -1.76 -15.19
N ILE B 84 -8.64 -2.27 -14.99
CA ILE B 84 -7.64 -1.52 -14.24
C ILE B 84 -6.27 -2.13 -14.47
N ALA B 85 -5.25 -1.29 -14.44
CA ALA B 85 -3.87 -1.73 -14.58
C ALA B 85 -3.16 -1.44 -13.28
N ILE B 86 -2.43 -2.42 -12.77
CA ILE B 86 -1.62 -2.24 -11.57
C ILE B 86 -0.20 -2.75 -11.82
N ALA B 87 0.67 -1.82 -12.18
CA ALA B 87 1.99 -2.15 -12.68
C ALA B 87 2.85 -0.92 -12.51
N PRO B 88 4.18 -1.05 -12.75
CA PRO B 88 5.11 0.07 -12.85
C PRO B 88 4.84 0.92 -14.10
N LEU B 89 3.61 1.38 -14.23
CA LEU B 89 3.17 2.13 -15.41
C LEU B 89 3.36 3.63 -15.21
N THR B 90 4.27 4.22 -15.97
CA THR B 90 4.60 5.62 -15.80
C THR B 90 3.48 6.58 -16.21
N ILE B 91 3.13 7.49 -15.29
CA ILE B 91 2.20 8.59 -15.58
C ILE B 91 2.83 9.58 -16.59
N THR B 92 2.23 9.70 -17.76
CA THR B 92 2.70 10.63 -18.78
C THR B 92 1.53 11.39 -19.39
N LEU B 93 1.85 12.50 -20.05
CA LEU B 93 0.83 13.34 -20.67
C LEU B 93 0.01 12.61 -21.74
N VAL B 94 0.68 11.91 -22.66
CA VAL B 94 -0.05 11.27 -23.77
C VAL B 94 -0.93 10.11 -23.29
N ARG B 95 -0.50 9.44 -22.22
CA ARG B 95 -1.30 8.38 -21.61
C ARG B 95 -2.50 8.97 -20.86
N GLU B 96 -2.24 10.04 -20.10
CA GLU B 96 -3.25 10.71 -19.31
C GLU B 96 -4.33 11.33 -20.20
N GLU B 97 -3.98 11.56 -21.46
CA GLU B 97 -4.97 12.04 -22.42
C GLU B 97 -6.00 10.97 -22.79
N VAL B 98 -5.71 9.70 -22.55
CA VAL B 98 -6.62 8.63 -22.99
C VAL B 98 -7.06 7.67 -21.87
N ILE B 99 -6.44 7.77 -20.70
CA ILE B 99 -6.81 6.94 -19.55
C ILE B 99 -6.64 7.73 -18.25
N ASP B 100 -7.22 7.23 -17.17
CA ASP B 100 -7.06 7.88 -15.88
C ASP B 100 -5.96 7.28 -15.03
N PHE B 101 -5.26 8.13 -14.29
CA PHE B 101 -4.22 7.71 -13.36
C PHE B 101 -4.56 8.17 -11.96
N SER B 102 -4.24 7.33 -10.98
CA SER B 102 -4.30 7.75 -9.58
C SER B 102 -3.11 8.66 -9.30
N LYS B 103 -3.09 9.29 -8.13
CA LYS B 103 -1.87 9.91 -7.65
C LYS B 103 -0.79 8.82 -7.56
N PRO B 104 0.48 9.21 -7.72
CA PRO B 104 1.56 8.22 -7.81
C PRO B 104 1.74 7.39 -6.55
N PHE B 105 1.99 6.08 -6.70
CA PHE B 105 2.23 5.22 -5.55
C PHE B 105 3.72 4.96 -5.37
N MET B 106 4.52 5.40 -6.33
CA MET B 106 5.97 5.28 -6.24
C MET B 106 6.64 6.34 -7.11
N SER B 107 7.78 6.86 -6.63
CA SER B 107 8.52 7.88 -7.36
C SER B 107 9.77 7.32 -8.01
N LEU B 108 10.17 7.89 -9.14
CA LEU B 108 11.34 7.41 -9.87
C LEU B 108 11.87 8.38 -10.93
N GLY B 109 12.95 7.98 -11.58
CA GLY B 109 13.54 8.75 -12.65
C GLY B 109 14.41 7.91 -13.58
N ILE B 110 14.57 8.37 -14.82
CA ILE B 110 15.48 7.72 -15.75
C ILE B 110 16.92 7.74 -15.21
N SER B 111 17.57 6.60 -15.27
CA SER B 111 18.92 6.47 -14.73
C SER B 111 19.79 5.63 -15.66
N ILE B 112 21.08 5.55 -15.33
CA ILE B 112 22.05 4.81 -16.13
C ILE B 112 22.51 3.53 -15.44
N MET B 113 22.30 2.40 -16.10
CA MET B 113 22.87 1.15 -15.60
C MET B 113 24.13 0.84 -16.39
N ILE B 114 25.22 0.57 -15.68
CA ILE B 114 26.44 0.10 -16.35
C ILE B 114 26.92 -1.21 -15.74
N LYS B 115 27.71 -1.93 -16.52
CA LYS B 115 28.50 -3.04 -15.99
C LYS B 115 29.63 -2.41 -15.17
N LYS B 116 29.89 -2.94 -13.97
CA LYS B 116 30.84 -2.33 -13.06
C LYS B 116 32.21 -2.09 -13.68
N GLY B 117 32.75 -0.89 -13.49
CA GLY B 117 34.04 -0.52 -14.04
C GLY B 117 33.93 0.24 -15.35
N THR B 118 32.76 0.20 -15.97
CA THR B 118 32.54 0.96 -17.20
C THR B 118 32.83 2.42 -16.90
N PRO B 119 33.73 3.02 -17.67
CA PRO B 119 34.17 4.40 -17.48
C PRO B 119 33.08 5.42 -17.83
N ILE B 120 31.96 5.37 -17.15
CA ILE B 120 30.88 6.31 -17.40
C ILE B 120 30.36 6.84 -16.08
N GLU B 121 30.22 8.16 -15.98
CA GLU B 121 29.73 8.79 -14.76
C GLU B 121 28.42 9.54 -14.95
N SER B 122 28.04 9.80 -16.20
CA SER B 122 26.88 10.65 -16.46
C SER B 122 26.33 10.50 -17.88
N ALA B 123 25.20 11.16 -18.16
CA ALA B 123 24.63 11.18 -19.50
C ALA B 123 25.52 11.95 -20.45
N GLU B 124 25.93 13.14 -20.02
CA GLU B 124 26.91 13.92 -20.76
C GLU B 124 28.04 13.00 -21.20
N ASP B 125 28.47 12.12 -20.29
CA ASP B 125 29.53 11.17 -20.59
C ASP B 125 29.16 10.27 -21.78
N LEU B 126 27.98 9.65 -21.73
CA LEU B 126 27.49 8.84 -22.85
C LEU B 126 27.51 9.64 -24.15
N SER B 127 26.97 10.84 -24.10
CA SER B 127 26.82 11.67 -25.30
C SER B 127 28.15 12.11 -25.90
N LYS B 128 29.16 12.25 -25.04
CA LYS B 128 30.47 12.73 -25.46
C LYS B 128 31.34 11.66 -26.13
N GLN B 129 30.82 10.46 -26.31
CA GLN B 129 31.65 9.34 -26.78
C GLN B 129 30.85 8.36 -27.65
N THR B 130 31.52 7.31 -28.15
CA THR B 130 30.87 6.32 -29.02
C THR B 130 31.31 4.88 -28.83
N GLU B 131 32.42 4.67 -28.13
CA GLU B 131 32.90 3.31 -27.85
C GLU B 131 31.80 2.48 -27.17
N ILE B 132 31.21 3.03 -26.12
CA ILE B 132 30.17 2.33 -25.38
C ILE B 132 28.82 2.67 -25.97
N ALA B 133 28.05 1.64 -26.31
CA ALA B 133 26.70 1.82 -26.84
C ALA B 133 25.68 1.90 -25.71
N TYR B 134 24.52 2.46 -26.01
CA TYR B 134 23.46 2.59 -25.02
C TYR B 134 22.07 2.69 -25.67
N GLY B 135 21.09 2.05 -25.03
CA GLY B 135 19.71 2.06 -25.51
C GLY B 135 18.68 2.04 -24.39
N THR B 136 17.41 2.12 -24.77
CA THR B 136 16.30 2.13 -23.81
C THR B 136 15.33 1.00 -24.10
N LEU B 137 14.34 0.83 -23.24
CA LEU B 137 13.23 -0.06 -23.52
C LEU B 137 12.38 0.45 -24.68
N ASP B 138 11.95 -0.47 -25.56
CA ASP B 138 10.94 -0.15 -26.56
C ASP B 138 9.54 0.03 -25.98
N SER B 139 8.72 0.83 -26.65
CA SER B 139 7.31 1.00 -26.28
C SER B 139 7.14 1.54 -24.86
N GLY B 140 8.18 2.18 -24.34
CA GLY B 140 8.13 2.71 -22.98
C GLY B 140 8.19 4.22 -22.90
N SER B 141 7.97 4.76 -21.71
CA SER B 141 8.05 6.19 -21.48
C SER B 141 9.48 6.72 -21.61
N THR B 142 10.47 5.86 -21.39
CA THR B 142 11.87 6.30 -21.41
C THR B 142 12.28 6.68 -22.82
N LYS B 143 11.92 5.81 -23.77
CA LYS B 143 12.22 6.06 -25.16
C LYS B 143 11.59 7.38 -25.59
N GLU B 144 10.27 7.48 -25.38
CA GLU B 144 9.53 8.70 -25.69
C GLU B 144 10.14 9.93 -25.03
N PHE B 145 10.67 9.77 -23.83
CA PHE B 145 11.35 10.89 -23.17
C PHE B 145 12.45 11.45 -24.06
N PHE B 146 13.26 10.56 -24.63
CA PHE B 146 14.39 10.98 -25.45
C PHE B 146 13.98 11.50 -26.83
N ARG B 147 13.02 10.82 -27.45
CA ARG B 147 12.52 11.26 -28.76
C ARG B 147 11.89 12.65 -28.70
N ARG B 148 11.54 13.10 -27.50
CA ARG B 148 10.86 14.39 -27.33
C ARG B 148 11.76 15.48 -26.71
N SER B 149 12.84 15.07 -26.05
CA SER B 149 13.66 16.01 -25.31
C SER B 149 14.21 17.12 -26.20
N LYS B 150 14.19 18.34 -25.69
CA LYS B 150 14.74 19.49 -26.41
C LYS B 150 16.05 19.96 -25.77
N ILE B 151 16.42 19.35 -24.65
CA ILE B 151 17.69 19.66 -24.00
C ILE B 151 18.88 19.01 -24.70
N ALA B 152 19.94 19.79 -24.89
CA ALA B 152 21.11 19.41 -25.70
C ALA B 152 21.60 17.98 -25.53
N VAL B 153 22.05 17.64 -24.32
CA VAL B 153 22.64 16.34 -24.05
C VAL B 153 21.71 15.20 -24.43
N PHE B 154 20.40 15.43 -24.28
CA PHE B 154 19.42 14.40 -24.56
C PHE B 154 19.08 14.23 -26.05
N ASP B 155 18.99 15.33 -26.78
CA ASP B 155 18.80 15.26 -28.23
C ASP B 155 19.97 14.52 -28.87
N LYS B 156 21.18 14.87 -28.44
CA LYS B 156 22.38 14.19 -28.90
C LYS B 156 22.27 12.67 -28.71
N MET B 157 22.01 12.26 -27.47
CA MET B 157 21.87 10.83 -27.16
C MET B 157 20.76 10.19 -28.01
N TRP B 158 19.71 10.95 -28.27
CA TRP B 158 18.57 10.45 -29.03
C TRP B 158 18.92 10.24 -30.49
N THR B 159 19.53 11.24 -31.09
CA THR B 159 19.86 11.15 -32.51
C THR B 159 20.88 10.04 -32.75
N TYR B 160 21.75 9.81 -31.77
CA TYR B 160 22.62 8.63 -31.82
C TYR B 160 21.80 7.34 -31.71
N MET B 161 20.95 7.26 -30.68
CA MET B 161 20.19 6.03 -30.43
C MET B 161 19.28 5.65 -31.58
N ARG B 162 18.61 6.62 -32.19
CA ARG B 162 17.61 6.31 -33.21
C ARG B 162 18.19 5.77 -34.51
N SER B 163 19.44 6.12 -34.81
CA SER B 163 20.08 5.69 -36.05
C SER B 163 21.12 4.59 -35.86
N ALA B 164 21.43 4.26 -34.61
CA ALA B 164 22.46 3.26 -34.30
C ALA B 164 22.13 1.85 -34.82
N GLU B 165 23.16 1.16 -35.29
CA GLU B 165 22.97 -0.20 -35.79
C GLU B 165 24.10 -1.08 -35.31
N PRO B 166 23.77 -2.31 -34.87
CA PRO B 166 22.41 -2.84 -34.72
C PRO B 166 21.64 -2.07 -33.64
N SER B 167 20.34 -2.28 -33.56
CA SER B 167 19.49 -1.51 -32.66
C SER B 167 19.91 -1.61 -31.19
N VAL B 168 20.00 -0.45 -30.52
CA VAL B 168 20.30 -0.41 -29.09
C VAL B 168 19.05 -0.54 -28.23
N PHE B 169 17.90 -0.77 -28.86
CA PHE B 169 16.63 -0.89 -28.14
C PHE B 169 16.28 -2.35 -27.86
N VAL B 170 15.71 -2.60 -26.68
CA VAL B 170 15.36 -3.96 -26.30
C VAL B 170 13.84 -4.12 -26.14
N ARG B 171 13.39 -5.37 -26.13
CA ARG B 171 11.96 -5.63 -26.00
C ARG B 171 11.53 -5.68 -24.54
N THR B 172 12.40 -6.16 -23.66
CA THR B 172 12.05 -6.24 -22.23
C THR B 172 13.21 -5.77 -21.38
N THR B 173 12.88 -5.38 -20.15
CA THR B 173 13.90 -4.98 -19.18
C THR B 173 14.97 -6.08 -19.05
N ALA B 174 14.52 -7.32 -18.95
CA ALA B 174 15.45 -8.44 -18.85
C ALA B 174 16.42 -8.48 -20.00
N GLU B 175 15.95 -8.15 -21.21
CA GLU B 175 16.84 -8.19 -22.37
C GLU B 175 17.94 -7.14 -22.24
N GLY B 176 17.58 -5.98 -21.69
CA GLY B 176 18.53 -4.90 -21.53
C GLY B 176 19.59 -5.22 -20.49
N VAL B 177 19.18 -5.87 -19.42
CA VAL B 177 20.07 -6.19 -18.33
C VAL B 177 21.09 -7.19 -18.82
N ALA B 178 20.60 -8.29 -19.35
CA ALA B 178 21.46 -9.34 -19.87
C ALA B 178 22.49 -8.75 -20.83
N ARG B 179 22.05 -7.85 -21.71
CA ARG B 179 22.94 -7.23 -22.67
C ARG B 179 24.08 -6.45 -22.01
N VAL B 180 23.76 -5.74 -20.94
CA VAL B 180 24.77 -5.06 -20.17
C VAL B 180 25.78 -6.08 -19.65
N ARG B 181 25.26 -7.13 -19.03
CA ARG B 181 26.08 -8.12 -18.35
C ARG B 181 27.01 -8.86 -19.29
N LYS B 182 26.57 -8.99 -20.54
CA LYS B 182 27.29 -9.77 -21.54
C LYS B 182 28.20 -8.92 -22.43
N SER B 183 28.12 -7.59 -22.31
CA SER B 183 28.81 -6.71 -23.27
C SER B 183 30.16 -6.16 -22.81
N LYS B 184 30.65 -6.66 -21.68
CA LYS B 184 32.00 -6.32 -21.21
C LYS B 184 32.18 -4.81 -21.01
N GLY B 185 31.09 -4.10 -20.73
CA GLY B 185 31.17 -2.68 -20.47
C GLY B 185 30.97 -1.86 -21.73
N LYS B 186 30.78 -2.53 -22.85
CA LYS B 186 30.61 -1.86 -24.14
C LYS B 186 29.15 -1.49 -24.41
N TYR B 187 28.27 -1.84 -23.48
CA TYR B 187 26.87 -1.44 -23.59
C TYR B 187 26.32 -0.96 -22.25
N ALA B 188 25.67 0.21 -22.27
CA ALA B 188 25.02 0.77 -21.10
C ALA B 188 23.51 0.90 -21.34
N TYR B 189 22.73 0.81 -20.27
CA TYR B 189 21.27 0.72 -20.43
C TYR B 189 20.53 1.84 -19.69
N LEU B 190 19.55 2.44 -20.37
CA LEU B 190 18.77 3.52 -19.78
C LEU B 190 17.38 3.02 -19.38
N LEU B 191 17.09 3.18 -18.10
CA LEU B 191 15.88 2.64 -17.51
C LEU B 191 15.57 3.39 -16.23
N GLU B 192 14.42 3.09 -15.63
CA GLU B 192 13.97 3.83 -14.46
C GLU B 192 14.71 3.38 -13.20
N SER B 193 14.94 4.33 -12.30
CA SER B 193 15.76 4.11 -11.12
C SER B 193 15.30 2.94 -10.24
N THR B 194 13.98 2.76 -10.13
CA THR B 194 13.42 1.68 -9.34
C THR B 194 13.92 0.29 -9.76
N MET B 195 13.98 0.06 -11.07
CA MET B 195 14.46 -1.23 -11.59
C MET B 195 15.97 -1.30 -11.54
N ASN B 196 16.61 -0.19 -11.86
CA ASN B 196 18.06 -0.09 -11.78
C ASN B 196 18.54 -0.52 -10.39
N GLU B 197 17.96 0.10 -9.36
CA GLU B 197 18.31 -0.15 -7.96
C GLU B 197 17.99 -1.58 -7.49
N TYR B 198 16.90 -2.14 -7.99
CA TYR B 198 16.57 -3.52 -7.69
C TYR B 198 17.67 -4.44 -8.21
N ILE B 199 17.99 -4.28 -9.49
CA ILE B 199 18.94 -5.15 -10.18
C ILE B 199 20.36 -5.07 -9.58
N GLU B 200 20.71 -3.90 -9.08
CA GLU B 200 21.99 -3.72 -8.40
C GLU B 200 22.09 -4.55 -7.12
N GLN B 201 20.95 -5.03 -6.63
CA GLN B 201 20.93 -5.84 -5.42
C GLN B 201 20.84 -7.34 -5.69
N ARG B 202 20.94 -7.73 -6.95
CA ARG B 202 20.82 -9.14 -7.32
C ARG B 202 22.12 -9.73 -7.82
N LYS B 203 22.31 -11.02 -7.58
CA LYS B 203 23.45 -11.74 -8.15
C LYS B 203 23.34 -11.75 -9.67
N PRO B 204 24.49 -11.79 -10.38
CA PRO B 204 25.85 -11.87 -9.84
C PRO B 204 26.42 -10.55 -9.32
N CYS B 205 25.59 -9.53 -9.13
CA CYS B 205 26.05 -8.28 -8.52
C CYS B 205 27.10 -7.55 -9.36
N ASP B 206 26.88 -7.48 -10.67
CA ASP B 206 27.90 -6.94 -11.57
C ASP B 206 27.45 -5.67 -12.29
N THR B 207 26.34 -5.10 -11.84
CA THR B 207 25.85 -3.86 -12.42
C THR B 207 25.73 -2.77 -11.38
N MET B 208 25.58 -1.54 -11.82
CA MET B 208 25.35 -0.46 -10.87
C MET B 208 24.74 0.78 -11.52
N LYS B 209 23.94 1.47 -10.73
CA LYS B 209 23.30 2.70 -11.15
C LYS B 209 24.28 3.84 -10.91
N VAL B 210 24.75 4.47 -11.98
CA VAL B 210 25.64 5.62 -11.84
C VAL B 210 24.93 6.92 -12.18
N GLY B 211 25.31 7.97 -11.47
CA GLY B 211 24.82 9.31 -11.74
C GLY B 211 23.54 9.61 -10.99
N GLY B 212 22.96 10.76 -11.28
CA GLY B 212 21.65 11.11 -10.75
C GLY B 212 20.59 10.80 -11.80
N ASN B 213 19.33 10.91 -11.41
CA ASN B 213 18.24 10.67 -12.35
C ASN B 213 18.17 11.81 -13.36
N LEU B 214 17.74 11.49 -14.58
CA LEU B 214 17.59 12.49 -15.62
C LEU B 214 16.32 13.30 -15.42
N ASP B 215 15.32 12.68 -14.78
CA ASP B 215 14.04 13.34 -14.54
C ASP B 215 13.36 12.86 -13.25
N SER B 216 12.14 13.31 -13.03
CA SER B 216 11.38 12.95 -11.84
C SER B 216 9.91 12.76 -12.17
N LYS B 217 9.39 11.57 -11.88
CA LYS B 217 8.01 11.25 -12.19
C LYS B 217 7.51 10.10 -11.34
N GLY B 218 6.37 9.52 -11.73
CA GLY B 218 5.73 8.54 -10.89
C GLY B 218 4.98 7.43 -11.59
N TYR B 219 4.79 6.33 -10.86
CA TYR B 219 3.89 5.27 -11.29
C TYR B 219 2.51 5.61 -10.77
N GLY B 220 1.49 5.32 -11.57
CA GLY B 220 0.12 5.50 -11.15
C GLY B 220 -0.69 4.26 -11.47
N ILE B 221 -1.75 4.05 -10.71
CA ILE B 221 -2.71 3.00 -11.01
C ILE B 221 -3.70 3.53 -12.04
N ALA B 222 -3.82 2.85 -13.17
CA ALA B 222 -4.60 3.38 -14.28
C ALA B 222 -5.99 2.74 -14.42
N THR B 223 -6.97 3.57 -14.75
CA THR B 223 -8.31 3.09 -15.13
C THR B 223 -8.75 3.73 -16.43
N PRO B 224 -9.71 3.11 -17.13
CA PRO B 224 -10.32 3.67 -18.33
C PRO B 224 -10.95 5.04 -18.04
N LYS B 225 -10.80 5.98 -18.97
CA LYS B 225 -11.28 7.35 -18.73
C LYS B 225 -12.78 7.37 -18.40
N GLY B 226 -13.11 7.96 -17.26
CA GLY B 226 -14.50 8.04 -16.82
C GLY B 226 -15.00 6.85 -16.00
N SER B 227 -14.18 5.81 -15.87
CA SER B 227 -14.57 4.64 -15.08
C SER B 227 -14.90 5.02 -13.65
N SER B 228 -15.77 4.24 -13.01
CA SER B 228 -16.26 4.58 -11.68
C SER B 228 -15.26 4.23 -10.60
N LEU B 229 -14.30 3.37 -10.95
CA LEU B 229 -13.31 2.85 -10.02
C LEU B 229 -12.28 3.91 -9.61
N GLY B 230 -11.97 4.80 -10.55
CA GLY B 230 -10.95 5.82 -10.38
C GLY B 230 -10.95 6.53 -9.04
N ASN B 231 -12.11 7.04 -8.62
CA ASN B 231 -12.19 7.81 -7.38
C ASN B 231 -11.75 7.02 -6.14
N ALA B 232 -12.31 5.83 -5.94
CA ALA B 232 -11.97 5.00 -4.79
C ALA B 232 -10.50 4.58 -4.83
N VAL B 233 -10.08 4.06 -5.97
CA VAL B 233 -8.71 3.63 -6.15
C VAL B 233 -7.74 4.75 -5.78
N ASN B 234 -8.02 5.93 -6.29
CA ASN B 234 -7.18 7.08 -6.00
C ASN B 234 -7.13 7.39 -4.51
N LEU B 235 -8.29 7.37 -3.86
CA LEU B 235 -8.35 7.58 -2.43
C LEU B 235 -7.62 6.47 -1.67
N ALA B 236 -7.73 5.24 -2.17
CA ALA B 236 -7.05 4.11 -1.53
C ALA B 236 -5.52 4.28 -1.53
N VAL B 237 -4.96 4.67 -2.67
CA VAL B 237 -3.52 4.90 -2.79
C VAL B 237 -3.02 5.96 -1.78
N LEU B 238 -3.78 7.02 -1.59
CA LEU B 238 -3.38 8.07 -0.64
C LEU B 238 -3.38 7.58 0.81
N LYS B 239 -4.31 6.72 1.16
CA LYS B 239 -4.41 6.20 2.52
C LYS B 239 -3.31 5.17 2.77
N LEU B 240 -3.15 4.25 1.82
CA LEU B 240 -2.13 3.22 1.94
C LEU B 240 -0.74 3.83 2.08
N ASN B 241 -0.50 4.94 1.39
CA ASN B 241 0.78 5.63 1.46
C ASN B 241 0.99 6.31 2.81
N GLU B 242 -0.07 6.85 3.35
CA GLU B 242 0.00 7.52 4.64
C GLU B 242 0.11 6.51 5.79
N GLN B 243 -0.54 5.36 5.64
CA GLN B 243 -0.42 4.33 6.65
C GLN B 243 0.93 3.61 6.55
N GLY B 244 1.78 4.07 5.64
CA GLY B 244 3.13 3.55 5.50
C GLY B 244 3.29 2.26 4.69
N LEU B 245 2.18 1.73 4.21
CA LEU B 245 2.17 0.45 3.50
C LEU B 245 3.13 0.41 2.30
N LEU B 246 3.15 1.48 1.52
CA LEU B 246 3.94 1.49 0.28
C LEU B 246 5.41 1.42 0.61
N ASP B 247 5.81 2.14 1.65
CA ASP B 247 7.17 2.12 2.15
C ASP B 247 7.56 0.72 2.61
N LYS B 248 6.64 0.03 3.27
CA LYS B 248 6.94 -1.33 3.71
C LYS B 248 7.19 -2.23 2.51
N LEU B 249 6.30 -2.14 1.53
CA LEU B 249 6.37 -2.99 0.35
C LEU B 249 7.66 -2.80 -0.42
N LYS B 250 8.15 -1.57 -0.51
CA LYS B 250 9.40 -1.36 -1.24
C LYS B 250 10.55 -2.00 -0.48
N ASN B 251 10.52 -1.88 0.83
CA ASN B 251 11.48 -2.59 1.68
C ASN B 251 11.50 -4.08 1.42
N LYS B 252 10.31 -4.68 1.47
CA LYS B 252 10.14 -6.12 1.33
C LYS B 252 10.77 -6.63 0.05
N TRP B 253 10.50 -5.97 -1.07
CA TRP B 253 10.85 -6.55 -2.36
C TRP B 253 12.16 -6.08 -2.95
N TRP B 254 12.74 -5.01 -2.38
CA TRP B 254 14.03 -4.52 -2.86
C TRP B 254 15.14 -4.92 -1.92
N TYR B 255 15.02 -4.52 -0.66
CA TYR B 255 16.16 -4.49 0.24
C TYR B 255 16.25 -5.68 1.18
N ASP B 256 15.12 -6.06 1.78
CA ASP B 256 15.07 -7.23 2.65
C ASP B 256 15.47 -8.48 1.88
N LYS B 257 15.47 -8.38 0.56
CA LYS B 257 15.74 -9.54 -0.30
C LYS B 257 17.05 -9.39 -1.07
N GLY B 258 17.83 -8.36 -0.77
CA GLY B 258 19.08 -8.11 -1.47
C GLY B 258 20.05 -9.28 -1.34
N GLU B 259 20.69 -9.64 -2.46
CA GLU B 259 21.68 -10.73 -2.46
C GLU B 259 23.11 -10.21 -2.44
N CYS B 260 23.28 -8.90 -2.26
CA CYS B 260 24.60 -8.27 -2.43
C CYS B 260 25.11 -7.57 -1.17
N GLY B 261 24.64 -8.02 0.00
CA GLY B 261 25.05 -7.42 1.26
C GLY B 261 24.83 -5.93 1.30
N ALA C 1 -42.05 -37.75 3.43
CA ALA C 1 -41.27 -38.37 2.35
C ALA C 1 -39.76 -38.14 2.52
N ASN C 2 -39.12 -38.95 3.36
CA ASN C 2 -37.71 -38.83 3.71
C ASN C 2 -36.80 -38.36 2.57
N LYS C 3 -36.04 -37.31 2.86
CA LYS C 3 -35.22 -36.66 1.84
C LYS C 3 -33.75 -36.69 2.25
N THR C 4 -32.86 -36.74 1.26
CA THR C 4 -31.44 -36.72 1.54
C THR C 4 -31.02 -35.37 2.10
N VAL C 5 -30.49 -35.38 3.32
CA VAL C 5 -30.07 -34.16 4.00
C VAL C 5 -28.82 -33.54 3.38
N VAL C 6 -28.88 -32.26 2.99
CA VAL C 6 -27.69 -31.54 2.54
C VAL C 6 -26.82 -31.01 3.68
N VAL C 7 -25.66 -31.65 3.87
CA VAL C 7 -24.72 -31.24 4.90
C VAL C 7 -23.75 -30.21 4.32
N THR C 8 -23.63 -29.07 5.00
CA THR C 8 -22.62 -28.08 4.64
C THR C 8 -21.48 -28.12 5.65
N THR C 9 -20.26 -28.07 5.15
CA THR C 9 -19.08 -28.14 5.98
C THR C 9 -17.95 -27.43 5.25
N ILE C 10 -16.75 -27.50 5.79
CA ILE C 10 -15.67 -26.68 5.26
C ILE C 10 -14.37 -27.47 5.32
N LEU C 11 -13.43 -27.14 4.42
CA LEU C 11 -12.15 -27.83 4.38
C LEU C 11 -11.18 -27.28 5.42
N GLU C 12 -10.93 -28.07 6.45
CA GLU C 12 -10.17 -27.59 7.60
C GLU C 12 -9.63 -28.82 8.34
N SER C 13 -8.31 -28.92 8.40
CA SER C 13 -7.65 -30.06 9.04
C SER C 13 -7.72 -29.96 10.55
N PRO C 14 -8.00 -31.09 11.23
CA PRO C 14 -8.28 -32.38 10.60
C PRO C 14 -9.77 -32.74 10.64
N TYR C 15 -10.64 -31.73 10.53
CA TYR C 15 -12.09 -31.98 10.57
C TYR C 15 -12.58 -32.54 9.26
N VAL C 16 -12.21 -31.90 8.16
CA VAL C 16 -12.60 -32.37 6.83
C VAL C 16 -11.47 -32.18 5.84
N MET C 17 -11.01 -33.30 5.28
CA MET C 17 -9.89 -33.27 4.36
C MET C 17 -10.20 -34.10 3.12
N MET C 18 -9.69 -33.64 1.98
CA MET C 18 -9.78 -34.41 0.77
C MET C 18 -8.75 -35.54 0.87
N LYS C 19 -9.19 -36.78 0.77
CA LYS C 19 -8.25 -37.90 0.70
C LYS C 19 -7.36 -37.76 -0.53
N LYS C 20 -6.11 -38.20 -0.40
CA LYS C 20 -5.18 -38.13 -1.51
C LYS C 20 -5.76 -38.81 -2.75
N ASN C 21 -5.58 -38.17 -3.90
CA ASN C 21 -6.00 -38.73 -5.19
C ASN C 21 -7.51 -39.04 -5.28
N HIS C 22 -8.31 -38.35 -4.48
CA HIS C 22 -9.75 -38.59 -4.51
C HIS C 22 -10.57 -37.49 -5.17
N GLU C 23 -9.89 -36.47 -5.70
CA GLU C 23 -10.55 -35.30 -6.28
C GLU C 23 -11.59 -35.62 -7.36
N MET C 24 -11.28 -36.56 -8.24
CA MET C 24 -12.17 -36.87 -9.36
C MET C 24 -13.30 -37.86 -9.04
N LEU C 25 -13.31 -38.40 -7.83
CA LEU C 25 -14.38 -39.32 -7.42
C LEU C 25 -15.62 -38.54 -7.02
N GLU C 26 -16.62 -39.25 -6.47
CA GLU C 26 -17.85 -38.58 -6.06
C GLU C 26 -18.45 -39.14 -4.76
N GLY C 27 -19.38 -38.38 -4.19
CA GLY C 27 -20.01 -38.79 -2.95
C GLY C 27 -19.15 -38.51 -1.73
N ASN C 28 -19.63 -38.94 -0.57
CA ASN C 28 -19.02 -38.62 0.70
C ASN C 28 -17.63 -39.22 0.89
N GLU C 29 -17.40 -40.35 0.23
CA GLU C 29 -16.18 -41.14 0.41
C GLU C 29 -14.89 -40.38 0.05
N ARG C 30 -15.03 -39.24 -0.63
CA ARG C 30 -13.86 -38.42 -0.98
C ARG C 30 -13.16 -37.84 0.24
N TYR C 31 -13.93 -37.53 1.27
CA TYR C 31 -13.44 -36.79 2.45
C TYR C 31 -13.09 -37.67 3.67
N GLU C 32 -12.22 -37.14 4.52
CA GLU C 32 -11.91 -37.79 5.79
C GLU C 32 -11.72 -36.75 6.86
N GLY C 33 -11.81 -37.19 8.12
CA GLY C 33 -11.58 -36.34 9.26
C GLY C 33 -12.59 -36.46 10.39
N TYR C 34 -12.32 -35.75 11.48
CA TYR C 34 -13.18 -35.74 12.65
C TYR C 34 -14.66 -35.54 12.31
N CYS C 35 -14.95 -34.46 11.57
CA CYS C 35 -16.33 -34.11 11.25
C CYS C 35 -16.99 -35.06 10.26
N VAL C 36 -16.19 -35.66 9.38
CA VAL C 36 -16.71 -36.70 8.48
C VAL C 36 -17.17 -37.91 9.30
N ASP C 37 -16.34 -38.31 10.24
CA ASP C 37 -16.68 -39.36 11.21
C ASP C 37 -17.91 -38.98 12.01
N LEU C 38 -17.89 -37.75 12.56
CA LEU C 38 -19.01 -37.25 13.34
C LEU C 38 -20.31 -37.29 12.53
N ALA C 39 -20.23 -36.85 11.28
CA ALA C 39 -21.43 -36.78 10.45
C ALA C 39 -22.04 -38.15 10.24
N ALA C 40 -21.19 -39.16 10.09
CA ALA C 40 -21.71 -40.51 9.92
C ALA C 40 -22.47 -40.98 11.17
N GLU C 41 -21.93 -40.65 12.34
CA GLU C 41 -22.55 -41.01 13.61
C GLU C 41 -23.88 -40.30 13.88
N ILE C 42 -23.90 -38.99 13.64
CA ILE C 42 -25.12 -38.21 13.83
C ILE C 42 -26.25 -38.74 12.96
N ALA C 43 -25.95 -38.97 11.69
CA ALA C 43 -26.93 -39.44 10.73
C ALA C 43 -27.39 -40.84 11.07
N LYS C 44 -26.48 -41.66 11.58
CA LYS C 44 -26.82 -43.00 12.02
C LYS C 44 -27.85 -42.95 13.15
N HIS C 45 -27.60 -42.10 14.14
CA HIS C 45 -28.47 -42.02 15.32
C HIS C 45 -29.80 -41.28 15.07
N CYS C 46 -29.81 -40.35 14.12
CA CYS C 46 -31.01 -39.56 13.81
C CYS C 46 -31.82 -40.16 12.66
N GLY C 47 -31.25 -41.16 12.00
CA GLY C 47 -31.98 -41.95 11.03
C GLY C 47 -32.22 -41.30 9.69
N PHE C 48 -31.19 -40.70 9.11
CA PHE C 48 -31.32 -40.06 7.80
C PHE C 48 -30.10 -40.26 6.90
N LYS C 49 -30.30 -40.06 5.60
CA LYS C 49 -29.21 -40.08 4.63
C LYS C 49 -28.76 -38.66 4.35
N TYR C 50 -27.47 -38.49 4.04
CA TYR C 50 -26.91 -37.15 3.84
C TYR C 50 -25.93 -37.10 2.69
N LYS C 51 -25.76 -35.89 2.17
CA LYS C 51 -24.70 -35.61 1.22
C LYS C 51 -23.78 -34.51 1.76
N LEU C 52 -22.50 -34.82 1.83
CA LEU C 52 -21.47 -33.83 2.20
C LEU C 52 -21.15 -32.85 1.08
N THR C 53 -21.21 -31.55 1.37
CA THR C 53 -20.88 -30.50 0.40
C THR C 53 -20.03 -29.40 1.02
N ILE C 54 -19.05 -28.90 0.27
CA ILE C 54 -18.14 -27.88 0.79
C ILE C 54 -18.69 -26.48 0.63
N VAL C 55 -18.73 -25.75 1.75
CA VAL C 55 -19.26 -24.40 1.75
C VAL C 55 -18.67 -23.59 0.61
N GLY C 56 -19.53 -23.02 -0.22
CA GLY C 56 -19.15 -22.38 -1.47
C GLY C 56 -18.18 -21.22 -1.41
N ASP C 57 -18.26 -20.42 -0.36
CA ASP C 57 -17.38 -19.26 -0.28
C ASP C 57 -16.20 -19.48 0.68
N GLY C 58 -16.06 -20.72 1.18
CA GLY C 58 -14.96 -21.10 2.05
C GLY C 58 -14.92 -20.46 3.44
N LYS C 59 -16.02 -19.87 3.87
CA LYS C 59 -16.05 -19.13 5.12
C LYS C 59 -16.95 -19.77 6.17
N TYR C 60 -16.70 -19.41 7.44
CA TYR C 60 -17.51 -19.91 8.53
C TYR C 60 -18.85 -19.21 8.60
N GLY C 61 -18.85 -17.88 8.67
CA GLY C 61 -20.08 -17.13 8.67
C GLY C 61 -20.12 -15.89 9.54
N ALA C 62 -20.30 -14.74 8.88
CA ALA C 62 -20.54 -13.48 9.57
C ALA C 62 -21.53 -12.63 8.77
N ARG C 63 -21.99 -11.55 9.38
CA ARG C 63 -23.01 -10.74 8.76
C ARG C 63 -22.42 -9.42 8.31
N ASP C 64 -22.45 -9.17 7.00
CA ASP C 64 -21.95 -7.92 6.45
C ASP C 64 -22.71 -6.74 7.04
N ALA C 65 -21.97 -5.78 7.61
CA ALA C 65 -22.57 -4.66 8.33
C ALA C 65 -23.47 -3.81 7.44
N ASP C 66 -23.04 -3.58 6.20
CA ASP C 66 -23.80 -2.75 5.28
C ASP C 66 -24.91 -3.52 4.57
N THR C 67 -24.54 -4.60 3.90
CA THR C 67 -25.52 -5.38 3.13
C THR C 67 -26.41 -6.22 4.03
N LYS C 68 -26.03 -6.34 5.30
CA LYS C 68 -26.80 -7.13 6.27
C LYS C 68 -26.89 -8.61 5.89
N ILE C 69 -26.03 -9.06 4.98
CA ILE C 69 -26.09 -10.42 4.47
C ILE C 69 -25.08 -11.36 5.18
N TRP C 70 -25.54 -12.56 5.51
CA TRP C 70 -24.71 -13.57 6.18
C TRP C 70 -23.99 -14.41 5.13
N ASN C 71 -22.71 -14.63 5.35
CA ASN C 71 -21.91 -15.46 4.46
C ASN C 71 -21.58 -16.81 5.08
N GLY C 72 -20.80 -17.63 4.36
CA GLY C 72 -20.30 -18.89 4.88
C GLY C 72 -21.36 -19.93 5.19
N MET C 73 -20.96 -20.95 5.96
CA MET C 73 -21.91 -21.99 6.35
C MET C 73 -23.15 -21.41 7.03
N VAL C 74 -22.96 -20.34 7.82
CA VAL C 74 -24.11 -19.71 8.44
C VAL C 74 -25.10 -19.23 7.38
N GLY C 75 -24.63 -18.45 6.42
CA GLY C 75 -25.47 -17.97 5.34
C GLY C 75 -26.20 -19.08 4.61
N GLU C 76 -25.52 -20.20 4.39
CA GLU C 76 -26.13 -21.32 3.67
C GLU C 76 -27.32 -21.94 4.40
N LEU C 77 -27.26 -21.97 5.74
CA LEU C 77 -28.40 -22.41 6.54
C LEU C 77 -29.53 -21.37 6.53
N VAL C 78 -29.15 -20.10 6.63
CA VAL C 78 -30.12 -19.01 6.72
C VAL C 78 -30.95 -18.86 5.44
N TYR C 79 -30.35 -19.06 4.28
CA TYR C 79 -31.07 -18.85 3.02
C TYR C 79 -31.56 -20.14 2.37
N GLY C 80 -31.52 -21.25 3.12
CA GLY C 80 -32.05 -22.52 2.66
C GLY C 80 -31.13 -23.34 1.77
N LYS C 81 -29.90 -22.88 1.55
CA LYS C 81 -28.96 -23.61 0.72
C LYS C 81 -28.49 -24.94 1.33
N ALA C 82 -28.77 -25.17 2.61
CA ALA C 82 -28.33 -26.40 3.25
C ALA C 82 -29.15 -26.73 4.50
N ASP C 83 -29.20 -28.01 4.84
CA ASP C 83 -30.06 -28.49 5.93
C ASP C 83 -29.36 -28.55 7.31
N ILE C 84 -28.05 -28.70 7.30
CA ILE C 84 -27.30 -28.85 8.53
C ILE C 84 -25.82 -28.54 8.31
N ALA C 85 -25.18 -27.97 9.34
CA ALA C 85 -23.75 -27.71 9.29
C ALA C 85 -23.02 -28.55 10.31
N ILE C 86 -22.01 -29.28 9.84
CA ILE C 86 -21.22 -30.15 10.69
C ILE C 86 -19.76 -29.77 10.45
N ALA C 87 -19.27 -28.87 11.29
CA ALA C 87 -17.97 -28.27 11.10
C ALA C 87 -17.55 -27.64 12.43
N PRO C 88 -16.26 -27.28 12.55
CA PRO C 88 -15.80 -26.62 13.77
C PRO C 88 -16.39 -25.21 13.85
N LEU C 89 -17.71 -25.13 13.90
CA LEU C 89 -18.43 -23.85 13.89
C LEU C 89 -18.71 -23.39 15.31
N THR C 90 -18.20 -22.21 15.65
CA THR C 90 -18.21 -21.76 17.04
C THR C 90 -19.55 -21.18 17.45
N ILE C 91 -20.08 -21.67 18.57
CA ILE C 91 -21.31 -21.13 19.14
C ILE C 91 -21.09 -19.71 19.66
N THR C 92 -21.80 -18.75 19.09
CA THR C 92 -21.70 -17.35 19.52
C THR C 92 -23.12 -16.77 19.61
N LEU C 93 -23.25 -15.59 20.21
CA LEU C 93 -24.57 -14.99 20.39
C LEU C 93 -25.22 -14.54 19.08
N VAL C 94 -24.47 -13.85 18.23
CA VAL C 94 -25.04 -13.36 16.97
C VAL C 94 -25.46 -14.51 16.06
N ARG C 95 -24.79 -15.65 16.18
CA ARG C 95 -25.18 -16.81 15.40
C ARG C 95 -26.43 -17.48 16.00
N GLU C 96 -26.42 -17.73 17.30
CA GLU C 96 -27.56 -18.36 17.97
C GLU C 96 -28.85 -17.56 17.73
N GLU C 97 -28.71 -16.29 17.39
CA GLU C 97 -29.87 -15.46 17.13
C GLU C 97 -30.53 -15.77 15.78
N VAL C 98 -29.75 -16.28 14.81
CA VAL C 98 -30.32 -16.57 13.50
C VAL C 98 -30.38 -18.06 13.13
N ILE C 99 -29.63 -18.89 13.85
CA ILE C 99 -29.66 -20.35 13.65
C ILE C 99 -29.65 -21.11 14.98
N ASP C 100 -30.00 -22.39 14.91
CA ASP C 100 -29.94 -23.30 16.05
C ASP C 100 -28.63 -24.06 16.20
N PHE C 101 -28.11 -24.11 17.42
CA PHE C 101 -26.93 -24.90 17.72
C PHE C 101 -27.25 -26.08 18.62
N SER C 102 -26.65 -27.22 18.34
CA SER C 102 -26.68 -28.31 19.29
C SER C 102 -25.83 -27.92 20.51
N LYS C 103 -25.94 -28.68 21.58
CA LYS C 103 -24.95 -28.63 22.64
C LYS C 103 -23.56 -28.88 22.03
N PRO C 104 -22.52 -28.24 22.58
CA PRO C 104 -21.19 -28.32 21.99
C PRO C 104 -20.70 -29.76 21.95
N PHE C 105 -20.05 -30.14 20.86
CA PHE C 105 -19.41 -31.45 20.75
C PHE C 105 -17.91 -31.35 21.02
N MET C 106 -17.43 -30.13 21.22
CA MET C 106 -16.01 -29.90 21.48
C MET C 106 -15.79 -28.56 22.16
N SER C 107 -14.87 -28.53 23.12
CA SER C 107 -14.56 -27.31 23.84
C SER C 107 -13.28 -26.71 23.29
N LEU C 108 -13.13 -25.40 23.39
CA LEU C 108 -11.90 -24.77 22.93
C LEU C 108 -11.74 -23.32 23.40
N GLY C 109 -10.61 -22.73 23.05
CA GLY C 109 -10.34 -21.35 23.38
C GLY C 109 -9.43 -20.66 22.40
N ILE C 110 -9.55 -19.34 22.34
CA ILE C 110 -8.64 -18.55 21.53
C ILE C 110 -7.25 -18.70 22.14
N SER C 111 -6.25 -18.84 21.27
CA SER C 111 -4.91 -19.14 21.71
C SER C 111 -3.89 -18.54 20.75
N ILE C 112 -2.62 -18.61 21.11
CA ILE C 112 -1.56 -18.01 20.31
C ILE C 112 -0.65 -19.04 19.67
N MET C 113 -0.42 -18.88 18.36
CA MET C 113 0.54 -19.70 17.63
C MET C 113 1.78 -18.88 17.29
N ILE C 114 2.96 -19.36 17.68
CA ILE C 114 4.22 -18.74 17.28
C ILE C 114 5.14 -19.69 16.51
N LYS C 115 6.03 -19.14 15.70
CA LYS C 115 7.16 -19.89 15.19
C LYS C 115 8.12 -20.09 16.37
N LYS C 116 8.74 -21.27 16.46
CA LYS C 116 9.59 -21.59 17.60
C LYS C 116 10.73 -20.58 17.77
N GLY C 117 10.92 -20.12 19.00
CA GLY C 117 11.96 -19.16 19.32
C GLY C 117 11.46 -17.72 19.40
N THR C 118 10.19 -17.51 19.09
CA THR C 118 9.60 -16.18 19.14
C THR C 118 9.46 -15.75 20.59
N PRO C 119 10.04 -14.59 20.95
CA PRO C 119 10.03 -14.07 22.32
C PRO C 119 8.66 -13.55 22.72
N ILE C 120 7.70 -14.46 22.81
CA ILE C 120 6.35 -14.14 23.24
C ILE C 120 5.82 -15.27 24.11
N GLU C 121 5.24 -14.93 25.26
CA GLU C 121 4.70 -15.94 26.18
C GLU C 121 3.19 -15.78 26.35
N SER C 122 2.67 -14.59 26.07
CA SER C 122 1.31 -14.23 26.46
C SER C 122 0.71 -13.17 25.55
N ALA C 123 -0.59 -12.94 25.71
CA ALA C 123 -1.28 -11.91 24.93
C ALA C 123 -0.77 -10.52 25.31
N GLU C 124 -0.55 -10.33 26.61
CA GLU C 124 0.00 -9.10 27.12
C GLU C 124 1.36 -8.82 26.46
N ASP C 125 2.21 -9.84 26.37
CA ASP C 125 3.48 -9.69 25.66
C ASP C 125 3.23 -9.15 24.26
N LEU C 126 2.36 -9.83 23.52
CA LEU C 126 1.98 -9.37 22.19
C LEU C 126 1.64 -7.90 22.19
N SER C 127 0.79 -7.48 23.13
CA SER C 127 0.25 -6.13 23.14
C SER C 127 1.26 -5.05 23.52
N LYS C 128 2.32 -5.43 24.22
CA LYS C 128 3.28 -4.46 24.74
C LYS C 128 4.47 -4.23 23.81
N GLN C 129 4.41 -4.81 22.61
CA GLN C 129 5.50 -4.63 21.65
C GLN C 129 4.96 -4.37 20.23
N THR C 130 5.86 -4.08 19.29
CA THR C 130 5.43 -3.65 17.96
C THR C 130 6.11 -4.37 16.79
N GLU C 131 7.28 -4.97 17.04
CA GLU C 131 8.05 -5.57 15.96
C GLU C 131 7.51 -6.91 15.46
N ILE C 132 6.84 -7.65 16.33
CA ILE C 132 6.13 -8.86 15.91
C ILE C 132 4.67 -8.53 15.62
N ALA C 133 4.26 -8.74 14.38
CA ALA C 133 2.88 -8.49 13.98
C ALA C 133 2.02 -9.69 14.39
N TYR C 134 0.71 -9.51 14.44
CA TYR C 134 -0.22 -10.60 14.74
C TYR C 134 -1.62 -10.31 14.19
N GLY C 135 -2.35 -11.37 13.83
CA GLY C 135 -3.69 -11.23 13.29
C GLY C 135 -4.58 -12.44 13.50
N THR C 136 -5.70 -12.46 12.78
CA THR C 136 -6.65 -13.55 12.92
C THR C 136 -7.28 -13.93 11.58
N LEU C 137 -8.05 -15.00 11.61
CA LEU C 137 -8.89 -15.37 10.48
C LEU C 137 -9.87 -14.24 10.22
N ASP C 138 -10.31 -14.11 8.97
CA ASP C 138 -11.29 -13.11 8.64
C ASP C 138 -12.66 -13.77 8.51
N SER C 139 -13.70 -13.09 8.97
CA SER C 139 -15.07 -13.58 8.87
C SER C 139 -15.42 -14.65 9.90
N GLY C 140 -14.58 -14.78 10.92
CA GLY C 140 -14.82 -15.75 11.98
C GLY C 140 -15.19 -15.12 13.32
N SER C 141 -15.32 -15.98 14.34
CA SER C 141 -15.66 -15.53 15.68
C SER C 141 -14.45 -14.96 16.42
N THR C 142 -13.25 -15.41 16.07
CA THR C 142 -12.06 -14.88 16.71
C THR C 142 -11.95 -13.40 16.46
N LYS C 143 -12.09 -13.01 15.19
CA LYS C 143 -12.02 -11.59 14.85
C LYS C 143 -13.08 -10.84 15.64
N GLU C 144 -14.30 -11.38 15.65
CA GLU C 144 -15.40 -10.77 16.36
C GLU C 144 -15.09 -10.58 17.85
N PHE C 145 -14.39 -11.55 18.43
CA PHE C 145 -14.01 -11.49 19.83
C PHE C 145 -13.18 -10.25 20.17
N PHE C 146 -12.21 -9.94 19.32
CA PHE C 146 -11.30 -8.83 19.58
C PHE C 146 -11.95 -7.48 19.25
N ARG C 147 -12.87 -7.49 18.30
CA ARG C 147 -13.59 -6.28 17.91
C ARG C 147 -14.60 -5.85 18.97
N ARG C 148 -15.00 -6.77 19.84
CA ARG C 148 -15.98 -6.49 20.88
C ARG C 148 -15.35 -6.29 22.26
N SER C 149 -14.25 -6.99 22.51
CA SER C 149 -13.69 -7.04 23.85
C SER C 149 -13.47 -5.67 24.46
N LYS C 150 -13.83 -5.54 25.73
CA LYS C 150 -13.61 -4.30 26.44
C LYS C 150 -12.54 -4.51 27.51
N ILE C 151 -11.97 -5.71 27.55
CA ILE C 151 -10.86 -5.95 28.48
C ILE C 151 -9.57 -5.35 27.89
N ALA C 152 -8.81 -4.68 28.74
CA ALA C 152 -7.77 -3.74 28.31
C ALA C 152 -6.80 -4.24 27.25
N VAL C 153 -6.24 -5.44 27.42
CA VAL C 153 -5.23 -5.93 26.48
C VAL C 153 -5.83 -6.30 25.12
N PHE C 154 -6.97 -6.97 25.14
CA PHE C 154 -7.65 -7.31 23.89
C PHE C 154 -8.10 -6.06 23.14
N ASP C 155 -8.61 -5.08 23.87
CA ASP C 155 -8.95 -3.78 23.28
C ASP C 155 -7.72 -3.15 22.62
N LYS C 156 -6.58 -3.23 23.30
CA LYS C 156 -5.34 -2.68 22.77
C LYS C 156 -4.90 -3.43 21.51
N MET C 157 -4.96 -4.76 21.55
CA MET C 157 -4.56 -5.57 20.41
C MET C 157 -5.44 -5.27 19.20
N TRP C 158 -6.73 -5.10 19.43
CA TRP C 158 -7.66 -4.84 18.35
C TRP C 158 -7.37 -3.50 17.70
N THR C 159 -7.10 -2.50 18.53
CA THR C 159 -6.84 -1.15 18.03
C THR C 159 -5.65 -1.19 17.07
N TYR C 160 -4.63 -1.96 17.45
CA TYR C 160 -3.52 -2.23 16.55
C TYR C 160 -3.94 -3.00 15.30
N MET C 161 -4.70 -4.07 15.47
CA MET C 161 -5.01 -4.98 14.36
C MET C 161 -5.87 -4.33 13.29
N ARG C 162 -6.81 -3.49 13.70
CA ARG C 162 -7.75 -2.92 12.75
C ARG C 162 -7.13 -1.95 11.74
N SER C 163 -6.00 -1.35 12.09
CA SER C 163 -5.35 -0.35 11.22
C SER C 163 -4.03 -0.81 10.60
N ALA C 164 -3.53 -1.96 11.05
CA ALA C 164 -2.25 -2.48 10.57
C ALA C 164 -2.22 -2.66 9.06
N GLU C 165 -1.10 -2.26 8.46
CA GLU C 165 -0.88 -2.39 7.04
C GLU C 165 0.46 -3.07 6.80
N PRO C 166 0.46 -4.10 5.96
CA PRO C 166 -0.71 -4.69 5.31
C PRO C 166 -1.56 -5.44 6.32
N SER C 167 -2.78 -5.81 5.92
CA SER C 167 -3.68 -6.58 6.76
C SER C 167 -2.96 -7.68 7.53
N VAL C 168 -3.32 -7.85 8.80
CA VAL C 168 -2.83 -8.98 9.58
C VAL C 168 -3.83 -10.12 9.47
N PHE C 169 -4.90 -9.87 8.72
CA PHE C 169 -5.97 -10.86 8.58
C PHE C 169 -5.75 -11.77 7.37
N VAL C 170 -6.17 -13.03 7.51
CA VAL C 170 -5.97 -14.04 6.47
C VAL C 170 -7.29 -14.65 6.03
N ARG C 171 -7.28 -15.29 4.87
CA ARG C 171 -8.51 -15.86 4.32
C ARG C 171 -8.82 -17.26 4.86
N THR C 172 -7.79 -17.99 5.26
CA THR C 172 -7.95 -19.35 5.75
C THR C 172 -6.95 -19.62 6.86
N THR C 173 -7.23 -20.65 7.65
CA THR C 173 -6.33 -21.02 8.73
C THR C 173 -4.95 -21.38 8.19
N ALA C 174 -4.92 -22.16 7.11
CA ALA C 174 -3.66 -22.58 6.48
C ALA C 174 -2.85 -21.37 6.01
N GLU C 175 -3.55 -20.32 5.60
CA GLU C 175 -2.88 -19.09 5.23
C GLU C 175 -2.17 -18.44 6.43
N GLY C 176 -2.86 -18.39 7.57
CA GLY C 176 -2.31 -17.81 8.78
C GLY C 176 -1.11 -18.63 9.28
N VAL C 177 -1.23 -19.94 9.17
CA VAL C 177 -0.15 -20.83 9.53
C VAL C 177 1.05 -20.64 8.61
N ALA C 178 0.81 -20.57 7.30
CA ALA C 178 1.91 -20.42 6.37
C ALA C 178 2.63 -19.10 6.61
N ARG C 179 1.87 -18.07 6.97
CA ARG C 179 2.44 -16.75 7.26
C ARG C 179 3.37 -16.85 8.47
N VAL C 180 2.90 -17.51 9.53
CA VAL C 180 3.77 -17.72 10.71
C VAL C 180 5.07 -18.39 10.30
N ARG C 181 4.97 -19.45 9.52
CA ARG C 181 6.13 -20.24 9.11
C ARG C 181 7.12 -19.47 8.27
N LYS C 182 6.64 -18.57 7.43
CA LYS C 182 7.52 -17.86 6.50
C LYS C 182 8.04 -16.54 7.05
N SER C 183 7.62 -16.17 8.25
CA SER C 183 7.87 -14.82 8.72
C SER C 183 9.02 -14.68 9.71
N LYS C 184 9.74 -15.77 9.93
CA LYS C 184 10.95 -15.75 10.75
C LYS C 184 10.71 -15.18 12.14
N GLY C 185 9.52 -15.40 12.68
CA GLY C 185 9.20 -14.99 14.03
C GLY C 185 8.56 -13.62 14.09
N LYS C 186 8.37 -12.99 12.94
CA LYS C 186 7.85 -11.62 12.88
C LYS C 186 6.33 -11.58 12.75
N TYR C 187 5.72 -12.76 12.65
CA TYR C 187 4.27 -12.84 12.64
C TYR C 187 3.78 -13.96 13.55
N ALA C 188 2.84 -13.62 14.42
CA ALA C 188 2.18 -14.58 15.29
C ALA C 188 0.70 -14.61 14.94
N TYR C 189 0.08 -15.77 15.06
CA TYR C 189 -1.29 -15.96 14.62
C TYR C 189 -2.22 -16.35 15.79
N LEU C 190 -3.36 -15.69 15.85
CA LEU C 190 -4.37 -15.98 16.87
C LEU C 190 -5.45 -16.88 16.30
N LEU C 191 -5.66 -18.02 16.94
CA LEU C 191 -6.63 -19.02 16.46
C LEU C 191 -7.11 -19.91 17.60
N GLU C 192 -8.03 -20.80 17.29
CA GLU C 192 -8.58 -21.66 18.31
C GLU C 192 -7.59 -22.78 18.66
N SER C 193 -7.56 -23.11 19.95
CA SER C 193 -6.58 -24.06 20.50
C SER C 193 -6.62 -25.40 19.80
N THR C 194 -7.81 -25.81 19.35
CA THR C 194 -7.99 -27.10 18.70
C THR C 194 -7.11 -27.22 17.46
N MET C 195 -7.07 -26.15 16.68
CA MET C 195 -6.30 -26.15 15.45
C MET C 195 -4.85 -25.82 15.75
N ASN C 196 -4.63 -24.95 16.72
CA ASN C 196 -3.29 -24.65 17.19
C ASN C 196 -2.57 -25.93 17.62
N GLU C 197 -3.23 -26.71 18.47
CA GLU C 197 -2.67 -27.95 18.99
C GLU C 197 -2.46 -29.02 17.91
N TYR C 198 -3.28 -29.03 16.88
CA TYR C 198 -3.09 -30.00 15.79
C TYR C 198 -1.81 -29.70 15.02
N ILE C 199 -1.71 -28.48 14.53
CA ILE C 199 -0.56 -28.01 13.76
C ILE C 199 0.73 -28.24 14.52
N GLU C 200 0.66 -28.06 15.84
CA GLU C 200 1.80 -28.25 16.73
C GLU C 200 2.38 -29.65 16.62
N GLN C 201 1.55 -30.60 16.18
CA GLN C 201 1.99 -31.99 16.02
C GLN C 201 2.17 -32.40 14.56
N ARG C 202 2.29 -31.43 13.67
CA ARG C 202 2.51 -31.76 12.26
C ARG C 202 3.86 -31.24 11.76
N LYS C 203 4.51 -32.00 10.88
CA LYS C 203 5.75 -31.56 10.25
C LYS C 203 5.44 -30.26 9.53
N PRO C 204 6.43 -29.35 9.45
CA PRO C 204 7.82 -29.48 9.90
C PRO C 204 8.03 -29.27 11.39
N CYS C 205 6.96 -29.27 12.17
CA CYS C 205 7.09 -29.19 13.63
C CYS C 205 7.84 -27.93 14.06
N ASP C 206 7.39 -26.78 13.57
CA ASP C 206 8.15 -25.53 13.76
C ASP C 206 7.30 -24.43 14.41
N THR C 207 6.07 -24.78 14.77
CA THR C 207 5.18 -23.83 15.44
C THR C 207 4.78 -24.39 16.80
N MET C 208 4.26 -23.52 17.68
CA MET C 208 3.77 -23.98 18.97
C MET C 208 2.76 -23.06 19.68
N LYS C 209 1.97 -23.66 20.56
CA LYS C 209 1.06 -22.92 21.42
C LYS C 209 1.80 -22.34 22.60
N VAL C 210 1.65 -21.03 22.82
CA VAL C 210 2.19 -20.35 24.00
C VAL C 210 1.07 -19.70 24.80
N GLY C 211 1.21 -19.72 26.11
CA GLY C 211 0.24 -19.12 27.00
C GLY C 211 -0.98 -19.99 27.15
N GLY C 212 -1.95 -19.52 27.93
CA GLY C 212 -3.22 -20.21 28.08
C GLY C 212 -4.27 -19.65 27.14
N ASN C 213 -5.47 -20.21 27.16
CA ASN C 213 -6.54 -19.74 26.30
C ASN C 213 -7.11 -18.40 26.78
N LEU C 214 -7.47 -17.56 25.81
CA LEU C 214 -7.96 -16.22 26.11
C LEU C 214 -9.44 -16.25 26.50
N ASP C 215 -10.11 -17.35 26.19
CA ASP C 215 -11.52 -17.53 26.53
C ASP C 215 -11.86 -19.01 26.51
N SER C 216 -13.13 -19.32 26.72
CA SER C 216 -13.57 -20.71 26.78
C SER C 216 -14.94 -20.85 26.13
N LYS C 217 -15.03 -21.67 25.10
CA LYS C 217 -16.28 -21.84 24.35
C LYS C 217 -16.34 -23.18 23.63
N GLY C 218 -17.30 -23.33 22.72
CA GLY C 218 -17.51 -24.61 22.06
C GLY C 218 -18.04 -24.61 20.64
N TYR C 219 -17.82 -25.73 19.94
CA TYR C 219 -18.39 -25.95 18.62
C TYR C 219 -19.78 -26.61 18.73
N GLY C 220 -20.72 -26.14 17.93
CA GLY C 220 -22.00 -26.82 17.86
C GLY C 220 -22.36 -27.24 16.45
N ILE C 221 -23.21 -28.26 16.35
N ILE C 221 -23.21 -28.26 16.35
CA ILE C 221 -23.81 -28.61 15.08
CA ILE C 221 -23.80 -28.62 15.07
C ILE C 221 -24.96 -27.64 14.86
C ILE C 221 -24.96 -27.66 14.86
N ALA C 222 -25.02 -27.05 13.67
CA ALA C 222 -26.00 -26.00 13.42
C ALA C 222 -27.13 -26.38 12.46
N THR C 223 -28.35 -25.95 12.79
CA THR C 223 -29.47 -26.09 11.86
C THR C 223 -30.23 -24.76 11.73
N PRO C 224 -31.01 -24.62 10.64
CA PRO C 224 -31.86 -23.44 10.50
C PRO C 224 -32.87 -23.33 11.64
N LYS C 225 -33.21 -22.11 12.04
CA LYS C 225 -34.23 -21.89 13.07
C LYS C 225 -35.45 -22.77 12.85
N GLY C 226 -35.86 -23.48 13.90
CA GLY C 226 -37.05 -24.30 13.86
C GLY C 226 -37.00 -25.36 12.79
N SER C 227 -35.91 -26.13 12.76
CA SER C 227 -35.83 -27.29 11.90
C SER C 227 -36.16 -28.51 12.74
N SER C 228 -36.71 -29.53 12.09
CA SER C 228 -37.08 -30.77 12.77
C SER C 228 -35.85 -31.56 13.23
N LEU C 229 -34.74 -31.41 12.50
CA LEU C 229 -33.47 -32.05 12.88
C LEU C 229 -32.98 -31.64 14.27
N GLY C 230 -33.27 -30.41 14.67
CA GLY C 230 -32.72 -29.84 15.89
C GLY C 230 -32.73 -30.76 17.11
N ASN C 231 -33.93 -31.19 17.51
CA ASN C 231 -34.07 -32.00 18.70
C ASN C 231 -33.20 -33.26 18.68
N ALA C 232 -33.38 -34.09 17.65
CA ALA C 232 -32.68 -35.37 17.60
C ALA C 232 -31.18 -35.19 17.49
N VAL C 233 -30.76 -34.21 16.68
CA VAL C 233 -29.35 -33.89 16.54
C VAL C 233 -28.77 -33.49 17.88
N ASN C 234 -29.49 -32.62 18.58
CA ASN C 234 -29.07 -32.17 19.92
C ASN C 234 -28.85 -33.35 20.87
N LEU C 235 -29.86 -34.22 20.95
CA LEU C 235 -29.77 -35.43 21.77
C LEU C 235 -28.66 -36.37 21.30
N ALA C 236 -28.53 -36.51 19.99
CA ALA C 236 -27.48 -37.33 19.42
C ALA C 236 -26.08 -36.89 19.89
N VAL C 237 -25.81 -35.59 19.80
CA VAL C 237 -24.53 -35.06 20.24
C VAL C 237 -24.24 -35.48 21.68
N LEU C 238 -25.23 -35.31 22.54
CA LEU C 238 -25.12 -35.67 23.94
C LEU C 238 -24.85 -37.15 24.13
N LYS C 239 -25.55 -38.01 23.39
CA LYS C 239 -25.31 -39.45 23.52
C LYS C 239 -23.89 -39.78 23.10
N LEU C 240 -23.44 -39.19 22.00
CA LEU C 240 -22.06 -39.42 21.53
C LEU C 240 -20.98 -39.05 22.56
N ASN C 241 -21.17 -37.94 23.26
CA ASN C 241 -20.21 -37.55 24.29
C ASN C 241 -20.18 -38.56 25.45
N GLU C 242 -21.35 -38.94 25.92
CA GLU C 242 -21.42 -39.83 27.07
C GLU C 242 -20.91 -41.24 26.76
N GLN C 243 -21.03 -41.64 25.50
CA GLN C 243 -20.53 -42.94 25.04
C GLN C 243 -19.01 -42.98 24.93
N GLY C 244 -18.37 -41.82 24.98
CA GLY C 244 -16.94 -41.74 24.76
C GLY C 244 -16.58 -41.66 23.29
N LEU C 245 -17.57 -41.67 22.40
CA LEU C 245 -17.30 -41.60 20.97
C LEU C 245 -16.53 -40.33 20.56
N LEU C 246 -16.90 -39.18 21.12
CA LEU C 246 -16.21 -37.93 20.77
C LEU C 246 -14.75 -37.88 21.21
N ASP C 247 -14.46 -38.43 22.40
CA ASP C 247 -13.08 -38.50 22.89
C ASP C 247 -12.21 -39.39 22.01
N LYS C 248 -12.74 -40.56 21.63
CA LYS C 248 -12.05 -41.46 20.72
C LYS C 248 -11.70 -40.76 19.40
N LEU C 249 -12.63 -39.94 18.91
CA LEU C 249 -12.43 -39.20 17.67
C LEU C 249 -11.33 -38.15 17.76
N LYS C 250 -11.29 -37.42 18.87
CA LYS C 250 -10.27 -36.41 19.05
C LYS C 250 -8.91 -37.12 19.06
N ASN C 251 -8.82 -38.13 19.91
CA ASN C 251 -7.65 -39.01 19.97
C ASN C 251 -7.22 -39.56 18.61
N LYS C 252 -8.17 -40.07 17.84
CA LYS C 252 -7.86 -40.64 16.54
C LYS C 252 -7.25 -39.62 15.58
N TRP C 253 -7.85 -38.43 15.52
CA TRP C 253 -7.46 -37.47 14.49
C TRP C 253 -6.41 -36.47 14.94
N TRP C 254 -6.14 -36.43 16.24
CA TRP C 254 -5.13 -35.50 16.75
C TRP C 254 -3.81 -36.19 17.09
N TYR C 255 -3.87 -37.11 18.05
CA TYR C 255 -2.65 -37.63 18.64
C TYR C 255 -2.16 -38.98 18.08
N ASP C 256 -3.08 -39.90 17.79
CA ASP C 256 -2.73 -41.12 17.06
C ASP C 256 -2.04 -40.73 15.76
N LYS C 257 -2.42 -39.57 15.22
CA LYS C 257 -1.88 -39.13 13.93
C LYS C 257 -0.81 -38.05 14.07
N GLY C 258 -0.11 -38.05 15.20
CA GLY C 258 0.96 -37.09 15.42
C GLY C 258 2.21 -37.41 14.62
N GLU C 259 2.82 -36.37 14.07
CA GLU C 259 4.01 -36.52 13.22
C GLU C 259 5.28 -36.04 13.91
N CYS C 260 5.13 -35.46 15.09
CA CYS C 260 6.27 -34.88 15.80
C CYS C 260 6.65 -35.72 17.01
ZN ZN D . 5.90 27.13 -21.61
C1 HA7 E . 4.84 21.90 6.72
N1 HA7 E . 4.06 21.01 7.34
O1 HA7 E . 3.12 20.53 6.37
C2 HA7 E . 4.44 22.02 5.39
N2 HA7 E . 3.49 21.85 2.77
O2 HA7 E . 0.69 21.62 4.91
C3 HA7 E . 5.05 22.92 4.33
O3 HA7 E . 0.69 21.69 2.69
C4 HA7 E . 3.97 23.14 3.27
O4 HA7 E . 5.76 22.51 7.22
C5 HA7 E . 2.73 21.08 3.78
C6 HA7 E . 3.36 21.17 5.19
C7 HA7 E . 1.24 21.52 3.79
C1 GOL F . 6.79 14.15 -10.59
O1 GOL F . 6.24 13.02 -9.90
C2 GOL F . 7.05 15.27 -9.58
O2 GOL F . 7.97 14.80 -8.60
C3 GOL F . 7.66 16.49 -10.28
O3 GOL F . 8.91 16.13 -10.88
C ACY G . -0.57 23.98 -24.01
O ACY G . -0.75 23.30 -22.98
OXT ACY G . 0.54 24.36 -24.42
CH3 ACY G . -1.78 24.39 -24.80
ZN ZN H . -4.83 -2.62 4.26
ZN ZN I . 6.93 -21.38 -15.14
C1 HA7 J . 10.99 1.56 -19.19
N1 HA7 J . 10.91 2.58 -20.03
O1 HA7 J . 9.69 3.27 -19.72
C2 HA7 J . 9.88 1.54 -18.36
N2 HA7 J . 7.67 2.02 -16.71
O2 HA7 J . 6.65 2.83 -20.05
C3 HA7 J . 9.56 0.55 -17.24
O3 HA7 J . 5.42 2.74 -18.19
C4 HA7 J . 8.07 0.62 -16.94
O4 HA7 J . 11.89 0.74 -19.16
C5 HA7 J . 7.77 2.88 -17.91
C6 HA7 J . 9.07 2.62 -18.70
C7 HA7 J . 6.50 2.79 -18.80
ZN ZN K . -11.03 -44.03 -1.00
ZN ZN L . -22.92 -44.19 17.77
C1 HA7 M . -11.26 -18.88 13.71
N1 HA7 M . -11.80 -17.74 14.16
O1 HA7 M . -13.16 -18.03 14.54
C2 HA7 M . -12.19 -19.91 13.79
N2 HA7 M . -14.25 -21.73 14.32
O2 HA7 M . -15.78 -18.77 13.18
C3 HA7 M . -12.00 -21.36 13.38
O3 HA7 M . -16.68 -20.78 13.59
C4 HA7 M . -13.40 -21.96 13.14
O4 HA7 M . -10.12 -19.03 13.30
C5 HA7 M . -14.58 -20.30 14.52
C6 HA7 M . -13.37 -19.37 14.30
C7 HA7 M . -15.78 -19.92 13.67
AS CAC N . -7.06 -3.84 6.31
O1 CAC N . -7.54 -5.30 7.15
O2 CAC N . -5.68 -4.19 5.31
C1 CAC N . -8.54 -3.24 5.17
C2 CAC N . -6.62 -2.44 7.62
#